data_4LE4
#
_entry.id   4LE4
#
_cell.length_a   54.623
_cell.length_b   61.854
_cell.length_c   79.041
_cell.angle_alpha   81.54
_cell.angle_beta   75.16
_cell.angle_gamma   77.27
#
_symmetry.space_group_name_H-M   'P 1'
#
loop_
_entity.id
_entity.type
_entity.pdbx_description
1 polymer Beta-glucanase
2 branched beta-D-glucopyranose-(1-4)-beta-D-glucopyranose-(1-4)-beta-D-glucopyranose
3 water water
#
_entity_poly.entity_id   1
_entity_poly.type   'polypeptide(L)'
_entity_poly.pdbx_seq_one_letter_code
;GTILWDGRFNDMTSSADLNKWSWGNQVGPYQYYIHGSSPVSAYVNLSPDYKNPADTGSRQGAKITLDNTAYWNGQNMRRT
ELIPQTTAAINQGKVYYHFSLMRKDINAPATTREHQIAFFESHFTELKSGWLSGAPGISDTLLRWCVGGQTQWSVEWAAD
VWHNVAYEIDFAAGTVGFWHSTGSDPLTRKVAPVKTSTSSNGADWHVGVLELPRSGYPDSNEDFYWSGVYIESGSLTTSV
AGPGQPIPGDGG
;
_entity_poly.pdbx_strand_id   A,B,C,D
#
loop_
_chem_comp.id
_chem_comp.type
_chem_comp.name
_chem_comp.formula
BGC D-saccharide, beta linking beta-D-glucopyranose 'C6 H12 O6'
#
# COMPACT_ATOMS: atom_id res chain seq x y z
N GLY A 1 7.92 -32.75 23.08
CA GLY A 1 7.35 -31.51 22.42
C GLY A 1 5.91 -31.21 22.82
N THR A 2 5.44 -30.01 22.48
CA THR A 2 4.08 -29.60 22.80
C THR A 2 3.61 -28.56 21.79
N ILE A 3 2.54 -28.84 21.08
CA ILE A 3 2.04 -27.86 20.10
C ILE A 3 1.27 -26.80 20.84
N LEU A 4 1.73 -25.55 20.76
CA LEU A 4 1.06 -24.45 21.43
C LEU A 4 -0.07 -23.94 20.56
N TRP A 5 0.16 -23.93 19.25
CA TRP A 5 -0.86 -23.45 18.32
C TRP A 5 -0.66 -24.18 16.99
N ASP A 6 -1.78 -24.62 16.42
CA ASP A 6 -1.78 -25.37 15.17
C ASP A 6 -2.38 -24.55 14.03
N GLY A 7 -1.55 -24.27 13.01
CA GLY A 7 -2.06 -23.49 11.91
C GLY A 7 -2.07 -24.32 10.64
N ARG A 8 -2.21 -25.63 10.77
CA ARG A 8 -2.19 -26.47 9.60
C ARG A 8 -3.48 -26.62 8.81
N PHE A 9 -4.54 -25.93 9.27
CA PHE A 9 -5.88 -25.87 8.66
C PHE A 9 -6.64 -27.20 8.75
N ASN A 10 -6.14 -28.14 9.55
CA ASN A 10 -6.74 -29.47 9.62
C ASN A 10 -8.21 -29.56 9.99
N ASP A 11 -8.73 -28.57 10.70
CA ASP A 11 -10.15 -28.56 11.06
C ASP A 11 -10.98 -27.69 10.11
N MET A 12 -10.38 -27.21 9.03
CA MET A 12 -11.11 -26.41 8.06
C MET A 12 -11.40 -27.23 6.83
N THR A 13 -12.55 -26.99 6.24
CA THR A 13 -12.91 -27.68 5.02
C THR A 13 -12.36 -26.92 3.82
N SER A 14 -12.42 -25.60 3.89
CA SER A 14 -11.96 -24.75 2.78
C SER A 14 -11.55 -23.38 3.38
N SER A 15 -10.95 -22.52 2.58
CA SER A 15 -10.52 -21.22 3.09
C SER A 15 -11.67 -20.30 3.49
N ALA A 16 -12.89 -20.68 3.09
CA ALA A 16 -14.10 -19.91 3.46
C ALA A 16 -14.23 -19.88 4.97
N ASP A 17 -13.66 -20.88 5.65
CA ASP A 17 -13.76 -20.90 7.09
C ASP A 17 -13.03 -19.74 7.75
N LEU A 18 -12.15 -19.07 7.00
CA LEU A 18 -11.43 -17.95 7.52
C LEU A 18 -12.37 -16.81 7.76
N ASN A 19 -13.47 -16.78 7.01
CA ASN A 19 -14.46 -15.72 7.16
C ASN A 19 -15.21 -15.81 8.49
N LYS A 20 -15.07 -16.91 9.21
CA LYS A 20 -15.77 -17.02 10.48
C LYS A 20 -15.15 -16.10 11.54
N TRP A 21 -13.92 -15.68 11.31
CA TRP A 21 -13.22 -14.81 12.26
C TRP A 21 -13.58 -13.36 12.05
N SER A 22 -13.70 -12.62 13.17
CA SER A 22 -13.98 -11.19 13.13
C SER A 22 -13.47 -10.61 14.44
N TRP A 23 -13.26 -9.30 14.48
CA TRP A 23 -12.77 -8.68 15.70
C TRP A 23 -13.70 -8.96 16.87
N GLY A 24 -15.01 -8.95 16.60
CA GLY A 24 -15.99 -9.19 17.64
C GLY A 24 -16.23 -10.65 17.97
N ASN A 25 -15.68 -11.55 17.16
CA ASN A 25 -15.84 -12.99 17.39
C ASN A 25 -14.57 -13.64 16.85
N GLN A 26 -13.52 -13.58 17.66
CA GLN A 26 -12.21 -14.10 17.28
C GLN A 26 -12.09 -15.62 17.40
N VAL A 27 -12.84 -16.33 16.57
CA VAL A 27 -12.84 -17.78 16.60
C VAL A 27 -11.92 -18.41 15.54
N GLY A 28 -11.58 -19.67 15.76
CA GLY A 28 -10.74 -20.38 14.83
C GLY A 28 -9.26 -20.15 15.09
N PRO A 29 -8.38 -20.72 14.27
CA PRO A 29 -6.93 -20.58 14.44
C PRO A 29 -6.22 -19.37 13.85
N TYR A 30 -6.93 -18.63 13.01
CA TYR A 30 -6.31 -17.48 12.33
C TYR A 30 -7.11 -16.21 12.27
N GLN A 31 -6.45 -15.09 12.51
CA GLN A 31 -7.10 -13.80 12.35
C GLN A 31 -6.97 -13.50 10.84
N TYR A 32 -8.08 -13.13 10.23
CA TYR A 32 -8.08 -12.82 8.80
C TYR A 32 -8.57 -11.41 8.57
N TYR A 33 -7.64 -10.47 8.38
CA TYR A 33 -8.02 -9.08 8.11
C TYR A 33 -7.04 -8.32 7.24
N ILE A 34 -5.79 -8.80 7.14
CA ILE A 34 -4.78 -8.14 6.30
C ILE A 34 -4.86 -8.73 4.89
N HIS A 35 -5.75 -8.14 4.11
CA HIS A 35 -5.98 -8.59 2.75
C HIS A 35 -6.63 -7.44 2.00
N GLY A 36 -6.73 -7.58 0.69
CA GLY A 36 -7.34 -6.55 -0.14
C GLY A 36 -8.86 -6.56 -0.15
N SER A 37 -9.42 -5.87 -1.13
CA SER A 37 -10.86 -5.71 -1.25
C SER A 37 -11.65 -6.91 -1.80
N SER A 38 -10.98 -7.90 -2.37
CA SER A 38 -11.71 -9.07 -2.90
C SER A 38 -12.07 -10.10 -1.81
N PRO A 39 -12.90 -11.10 -2.16
CA PRO A 39 -13.32 -12.16 -1.23
C PRO A 39 -12.12 -13.07 -0.94
N VAL A 40 -12.21 -13.86 0.11
CA VAL A 40 -11.07 -14.70 0.49
C VAL A 40 -10.58 -15.63 -0.63
N SER A 41 -11.48 -16.20 -1.43
CA SER A 41 -11.02 -17.12 -2.48
C SER A 41 -10.12 -16.47 -3.54
N ALA A 42 -10.02 -15.14 -3.52
CA ALA A 42 -9.08 -14.48 -4.43
C ALA A 42 -7.65 -14.57 -3.86
N TYR A 43 -7.56 -14.72 -2.53
CA TYR A 43 -6.26 -14.71 -1.85
C TYR A 43 -5.76 -15.98 -1.15
N VAL A 44 -6.68 -16.82 -0.69
CA VAL A 44 -6.28 -18.00 0.02
C VAL A 44 -7.15 -19.18 -0.45
N ASN A 45 -6.52 -20.27 -0.83
CA ASN A 45 -7.27 -21.47 -1.27
C ASN A 45 -6.55 -22.67 -0.72
N LEU A 46 -7.31 -23.65 -0.21
CA LEU A 46 -6.72 -24.85 0.37
C LEU A 46 -6.91 -26.04 -0.56
N SER A 47 -5.92 -26.93 -0.55
CA SER A 47 -5.95 -28.15 -1.34
C SER A 47 -4.83 -29.08 -0.93
N PRO A 48 -5.08 -30.39 -1.04
CA PRO A 48 -4.06 -31.38 -0.69
C PRO A 48 -2.92 -31.22 -1.70
N ASP A 49 -3.20 -30.59 -2.84
CA ASP A 49 -2.19 -30.43 -3.86
C ASP A 49 -1.26 -29.27 -3.56
N TYR A 50 -1.59 -28.50 -2.54
CA TYR A 50 -0.80 -27.31 -2.22
C TYR A 50 0.14 -27.45 -1.04
N LYS A 51 0.32 -28.67 -0.52
CA LYS A 51 1.21 -28.88 0.63
C LYS A 51 2.45 -29.69 0.27
N ASN A 52 3.40 -29.73 1.20
CA ASN A 52 4.58 -30.56 1.01
C ASN A 52 4.02 -32.01 1.07
N PRO A 53 4.20 -32.81 0.01
CA PRO A 53 3.67 -34.18 0.05
C PRO A 53 4.19 -35.05 1.18
N ALA A 54 5.37 -34.74 1.70
CA ALA A 54 5.99 -35.53 2.78
C ALA A 54 5.37 -35.23 4.14
N ASP A 55 4.70 -34.09 4.22
CA ASP A 55 4.06 -33.67 5.48
C ASP A 55 2.70 -34.34 5.66
N THR A 56 2.72 -35.51 6.26
CA THR A 56 1.46 -36.24 6.47
C THR A 56 0.70 -35.66 7.64
N GLY A 57 1.30 -34.67 8.30
CA GLY A 57 0.64 -34.03 9.42
C GLY A 57 -0.31 -32.91 8.98
N SER A 58 -0.22 -32.50 7.72
CA SER A 58 -1.08 -31.44 7.17
C SER A 58 -1.98 -32.07 6.11
N ARG A 59 -3.29 -31.91 6.22
CA ARG A 59 -4.19 -32.51 5.22
C ARG A 59 -4.20 -31.69 3.93
N GLN A 60 -4.21 -30.37 4.07
CA GLN A 60 -4.25 -29.52 2.91
C GLN A 60 -3.20 -28.41 3.09
N GLY A 61 -2.72 -27.85 1.98
CA GLY A 61 -1.79 -26.73 2.05
C GLY A 61 -2.61 -25.54 1.59
N ALA A 62 -2.04 -24.34 1.69
CA ALA A 62 -2.74 -23.15 1.29
C ALA A 62 -2.00 -22.42 0.18
N LYS A 63 -2.73 -22.06 -0.88
CA LYS A 63 -2.10 -21.25 -1.91
C LYS A 63 -2.48 -19.83 -1.48
N ILE A 64 -1.47 -18.99 -1.23
CA ILE A 64 -1.68 -17.60 -0.85
C ILE A 64 -1.31 -16.79 -2.08
N THR A 65 -2.23 -15.95 -2.49
CA THR A 65 -2.09 -15.17 -3.71
C THR A 65 -2.09 -13.65 -3.57
N LEU A 66 -1.22 -13.00 -4.32
CA LEU A 66 -1.21 -11.56 -4.37
C LEU A 66 -1.70 -11.28 -5.77
N ASP A 67 -2.74 -10.47 -5.90
CA ASP A 67 -3.23 -10.13 -7.24
C ASP A 67 -3.33 -8.62 -7.32
N ASN A 68 -4.00 -8.08 -8.35
CA ASN A 68 -4.05 -6.63 -8.47
C ASN A 68 -4.82 -5.91 -7.38
N THR A 69 -5.59 -6.64 -6.58
CA THR A 69 -6.39 -6.03 -5.52
C THR A 69 -5.84 -6.27 -4.10
N ALA A 70 -4.70 -6.94 -4.02
CA ALA A 70 -4.12 -7.29 -2.73
C ALA A 70 -3.46 -6.14 -1.96
N TYR A 71 -4.23 -5.09 -1.72
CA TYR A 71 -3.73 -3.91 -0.99
C TYR A 71 -4.61 -3.71 0.22
N TRP A 72 -3.97 -3.60 1.40
CA TRP A 72 -4.70 -3.43 2.64
C TRP A 72 -4.55 -2.02 3.24
N ASN A 73 -5.66 -1.48 3.73
CA ASN A 73 -5.64 -0.19 4.41
C ASN A 73 -4.98 0.94 3.64
N GLY A 74 -5.23 1.02 2.34
CA GLY A 74 -4.64 2.10 1.57
C GLY A 74 -3.13 2.12 1.42
N GLN A 75 -2.45 1.02 1.74
CA GLN A 75 -0.99 0.96 1.61
C GLN A 75 -0.57 0.67 0.17
N ASN A 76 0.70 0.94 -0.15
CA ASN A 76 1.23 0.73 -1.50
C ASN A 76 2.02 -0.57 -1.67
N MET A 77 2.06 -1.38 -0.62
CA MET A 77 2.72 -2.70 -0.65
C MET A 77 1.55 -3.71 -0.81
N ARG A 78 1.76 -4.80 -1.53
CA ARG A 78 0.71 -5.84 -1.67
C ARG A 78 0.87 -6.80 -0.49
N ARG A 79 -0.25 -7.24 0.10
CA ARG A 79 -0.19 -8.15 1.25
C ARG A 79 -1.37 -9.10 1.33
N THR A 80 -1.10 -10.33 1.76
CA THR A 80 -2.12 -11.33 2.04
C THR A 80 -1.46 -12.04 3.22
N GLU A 81 -2.00 -11.81 4.40
CA GLU A 81 -1.39 -12.38 5.61
C GLU A 81 -2.44 -12.89 6.59
N LEU A 82 -2.09 -13.97 7.32
CA LEU A 82 -2.90 -14.58 8.34
C LEU A 82 -2.07 -14.44 9.62
N ILE A 83 -2.72 -14.19 10.74
CA ILE A 83 -2.04 -14.07 12.02
C ILE A 83 -2.63 -15.13 12.97
N PRO A 84 -1.77 -15.82 13.73
CA PRO A 84 -2.27 -16.84 14.66
C PRO A 84 -3.28 -16.22 15.65
N GLN A 85 -4.40 -16.93 15.86
CA GLN A 85 -5.43 -16.51 16.82
C GLN A 85 -5.21 -17.53 17.94
N THR A 86 -4.65 -17.08 19.04
CA THR A 86 -4.30 -17.96 20.16
C THR A 86 -4.14 -17.22 21.50
N THR A 87 -4.27 -17.97 22.59
CA THR A 87 -4.08 -17.46 23.93
C THR A 87 -2.80 -18.11 24.48
N ALA A 88 -2.19 -19.01 23.70
CA ALA A 88 -0.98 -19.68 24.14
C ALA A 88 0.17 -18.68 24.21
N ALA A 89 1.13 -18.94 25.10
CA ALA A 89 2.30 -18.07 25.28
C ALA A 89 3.36 -18.32 24.20
N ILE A 90 3.02 -18.00 22.96
CA ILE A 90 3.94 -18.21 21.85
C ILE A 90 5.05 -17.19 21.73
N ASN A 91 5.05 -16.16 22.59
CA ASN A 91 6.08 -15.13 22.56
C ASN A 91 6.86 -15.01 23.86
N GLN A 92 6.96 -16.12 24.57
CA GLN A 92 7.69 -16.13 25.83
C GLN A 92 8.58 -17.37 25.90
N GLY A 93 9.79 -17.19 26.40
CA GLY A 93 10.69 -18.31 26.51
C GLY A 93 11.20 -18.80 25.17
N LYS A 94 11.49 -20.10 25.11
CA LYS A 94 11.98 -20.69 23.88
C LYS A 94 10.81 -21.33 23.17
N VAL A 95 10.60 -20.90 21.93
CA VAL A 95 9.49 -21.36 21.11
C VAL A 95 9.98 -21.63 19.70
N TYR A 96 9.42 -22.64 19.02
CA TYR A 96 9.83 -22.96 17.66
C TYR A 96 8.68 -22.62 16.72
N TYR A 97 8.95 -21.81 15.69
CA TYR A 97 7.91 -21.40 14.75
C TYR A 97 8.13 -22.15 13.43
N HIS A 98 7.22 -23.05 13.11
CA HIS A 98 7.33 -23.86 11.90
C HIS A 98 6.50 -23.40 10.71
N PHE A 99 6.99 -23.71 9.52
CA PHE A 99 6.25 -23.47 8.27
C PHE A 99 7.00 -24.05 7.10
N SER A 100 6.27 -24.44 6.05
CA SER A 100 6.89 -24.97 4.86
C SER A 100 6.36 -24.04 3.75
N LEU A 101 7.24 -23.72 2.80
CA LEU A 101 6.93 -22.79 1.71
C LEU A 101 7.43 -23.32 0.36
N MET A 102 6.70 -23.00 -0.71
CA MET A 102 7.13 -23.44 -2.06
C MET A 102 6.58 -22.47 -3.09
N ARG A 103 7.30 -22.28 -4.18
CA ARG A 103 6.78 -21.45 -5.25
C ARG A 103 6.85 -22.35 -6.51
N LYS A 104 6.05 -22.02 -7.51
CA LYS A 104 6.08 -22.73 -8.80
C LYS A 104 6.60 -21.72 -9.85
N ASP A 105 6.73 -22.16 -11.10
CA ASP A 105 7.14 -21.22 -12.13
C ASP A 105 5.91 -20.44 -12.64
N ILE A 106 4.71 -20.99 -12.45
CA ILE A 106 3.49 -20.29 -12.88
C ILE A 106 3.14 -19.32 -11.75
N ASN A 107 2.86 -18.07 -12.11
CA ASN A 107 2.57 -17.03 -11.12
C ASN A 107 3.70 -17.01 -10.07
N ALA A 108 4.94 -17.10 -10.56
CA ALA A 108 6.07 -17.07 -9.64
C ALA A 108 6.26 -15.67 -9.06
N PRO A 109 6.74 -15.58 -7.81
CA PRO A 109 6.94 -14.24 -7.23
C PRO A 109 7.96 -13.48 -8.10
N ALA A 110 7.70 -12.18 -8.29
CA ALA A 110 8.56 -11.33 -9.10
C ALA A 110 9.94 -11.18 -8.45
N THR A 111 11.01 -11.53 -9.17
CA THR A 111 12.35 -11.41 -8.59
C THR A 111 12.84 -9.95 -8.56
N THR A 112 12.11 -9.05 -9.20
CA THR A 112 12.47 -7.63 -9.25
C THR A 112 11.94 -6.83 -8.08
N ARG A 113 11.16 -7.48 -7.22
CA ARG A 113 10.56 -6.80 -6.07
C ARG A 113 10.84 -7.51 -4.78
N GLU A 114 11.02 -6.73 -3.72
CA GLU A 114 11.30 -7.34 -2.42
C GLU A 114 10.04 -7.95 -1.80
N HIS A 115 10.18 -9.17 -1.26
CA HIS A 115 9.05 -9.83 -0.58
C HIS A 115 9.54 -10.09 0.82
N GLN A 116 8.64 -9.91 1.77
CA GLN A 116 8.91 -10.17 3.20
C GLN A 116 7.89 -11.28 3.50
N ILE A 117 8.39 -12.39 4.03
CA ILE A 117 7.59 -13.60 4.22
C ILE A 117 7.66 -14.17 5.64
N ALA A 118 6.52 -14.58 6.19
CA ALA A 118 6.53 -15.19 7.55
C ALA A 118 7.28 -14.28 8.55
N PHE A 119 6.92 -13.02 8.52
CA PHE A 119 7.60 -12.02 9.34
C PHE A 119 6.87 -11.60 10.58
N PHE A 120 7.63 -11.17 11.60
CA PHE A 120 6.99 -10.62 12.80
C PHE A 120 6.75 -9.14 12.50
N GLU A 121 5.82 -8.52 13.22
CA GLU A 121 5.50 -7.11 12.99
C GLU A 121 6.67 -6.13 13.12
N SER A 122 7.66 -6.48 13.93
CA SER A 122 8.85 -5.62 14.09
C SER A 122 9.95 -6.04 13.11
N HIS A 123 9.65 -7.10 12.35
CA HIS A 123 10.60 -7.66 11.40
C HIS A 123 11.93 -8.11 12.02
N PHE A 124 11.90 -8.57 13.26
CA PHE A 124 13.15 -9.00 13.90
C PHE A 124 13.68 -10.22 13.20
N THR A 125 12.76 -11.01 12.66
CA THR A 125 13.18 -12.13 11.80
C THR A 125 12.08 -12.36 10.73
N GLU A 126 12.46 -12.95 9.61
CA GLU A 126 11.53 -13.16 8.49
C GLU A 126 12.33 -13.79 7.36
N LEU A 127 11.64 -14.19 6.28
CA LEU A 127 12.37 -14.62 5.08
C LEU A 127 12.15 -13.45 4.12
N LYS A 128 13.04 -13.33 3.13
CA LYS A 128 12.89 -12.31 2.11
C LYS A 128 13.25 -12.93 0.79
N SER A 129 12.76 -12.32 -0.28
CA SER A 129 13.10 -12.81 -1.59
C SER A 129 13.03 -11.60 -2.54
N GLY A 130 13.60 -11.76 -3.73
CA GLY A 130 13.57 -10.68 -4.70
C GLY A 130 14.69 -9.67 -4.55
N TRP A 131 14.65 -8.67 -5.41
CA TRP A 131 15.64 -7.61 -5.49
C TRP A 131 15.43 -6.65 -4.33
N LEU A 132 16.34 -6.68 -3.37
CA LEU A 132 16.26 -5.88 -2.16
C LEU A 132 16.82 -4.46 -2.30
N SER A 133 18.08 -4.35 -2.70
CA SER A 133 18.75 -3.06 -2.85
C SER A 133 19.92 -3.18 -3.80
N GLY A 134 20.53 -2.03 -4.09
CA GLY A 134 21.66 -2.02 -4.99
C GLY A 134 21.24 -2.32 -6.42
N ALA A 135 22.18 -2.87 -7.18
CA ALA A 135 21.91 -3.19 -8.56
C ALA A 135 21.22 -4.55 -8.62
N PRO A 136 20.47 -4.80 -9.69
CA PRO A 136 19.80 -6.11 -9.77
C PRO A 136 20.90 -7.13 -10.05
N GLY A 137 20.67 -8.38 -9.73
CA GLY A 137 21.73 -9.35 -9.94
C GLY A 137 21.43 -10.74 -9.46
N ILE A 138 22.46 -11.59 -9.44
CA ILE A 138 22.29 -12.99 -9.07
C ILE A 138 21.57 -13.21 -7.74
N SER A 139 21.76 -12.29 -6.80
CA SER A 139 21.14 -12.41 -5.48
C SER A 139 19.63 -12.25 -5.42
N ASP A 140 19.05 -11.76 -6.51
CA ASP A 140 17.62 -11.52 -6.51
C ASP A 140 16.77 -12.80 -6.58
N THR A 141 17.37 -13.88 -7.03
CA THR A 141 16.64 -15.14 -7.13
C THR A 141 16.79 -15.97 -5.86
N LEU A 142 17.39 -15.39 -4.84
CA LEU A 142 17.60 -16.09 -3.58
C LEU A 142 16.43 -15.99 -2.59
N LEU A 143 16.28 -17.03 -1.75
CA LEU A 143 15.31 -17.00 -0.65
C LEU A 143 16.29 -16.79 0.53
N ARG A 144 16.01 -15.83 1.38
CA ARG A 144 16.92 -15.49 2.48
C ARG A 144 16.24 -15.53 3.83
N TRP A 145 17.02 -15.84 4.86
CA TRP A 145 16.52 -15.78 6.22
C TRP A 145 17.24 -14.55 6.78
N CYS A 146 16.49 -13.59 7.31
CA CYS A 146 17.04 -12.37 7.86
C CYS A 146 16.75 -12.25 9.36
N VAL A 147 17.64 -11.53 10.04
CA VAL A 147 17.50 -11.22 11.46
C VAL A 147 17.83 -9.74 11.56
N GLY A 148 16.86 -8.96 12.04
CA GLY A 148 17.08 -7.52 12.12
C GLY A 148 17.35 -6.92 10.76
N GLY A 149 16.82 -7.54 9.71
CA GLY A 149 17.02 -7.03 8.37
C GLY A 149 18.28 -7.50 7.65
N GLN A 150 19.22 -8.07 8.39
CA GLN A 150 20.46 -8.56 7.82
C GLN A 150 20.37 -10.02 7.41
N THR A 151 20.77 -10.32 6.18
CA THR A 151 20.73 -11.71 5.70
C THR A 151 21.74 -12.61 6.43
N GLN A 152 21.27 -13.71 6.99
CA GLN A 152 22.14 -14.63 7.70
C GLN A 152 22.30 -15.96 6.98
N TRP A 153 21.42 -16.23 6.02
CA TRP A 153 21.47 -17.49 5.29
C TRP A 153 20.66 -17.27 4.01
N SER A 154 21.02 -17.95 2.93
CA SER A 154 20.22 -17.81 1.70
C SER A 154 20.42 -19.05 0.80
N VAL A 155 19.53 -19.24 -0.16
CA VAL A 155 19.66 -20.38 -1.05
C VAL A 155 18.92 -20.04 -2.35
N GLU A 156 19.35 -20.63 -3.46
CA GLU A 156 18.66 -20.38 -4.73
C GLU A 156 17.22 -20.86 -4.54
N TRP A 157 16.23 -20.03 -4.83
CA TRP A 157 14.85 -20.46 -4.65
C TRP A 157 14.32 -21.10 -5.95
N ALA A 158 14.39 -22.41 -6.02
CA ALA A 158 13.95 -23.15 -7.21
C ALA A 158 12.45 -23.49 -7.17
N ALA A 159 11.86 -23.62 -8.35
CA ALA A 159 10.45 -23.98 -8.47
C ALA A 159 10.19 -25.38 -7.96
N ASP A 160 9.00 -25.57 -7.38
CA ASP A 160 8.52 -26.86 -6.87
C ASP A 160 9.28 -27.47 -5.71
N VAL A 161 10.21 -26.70 -5.13
CA VAL A 161 10.96 -27.21 -4.00
C VAL A 161 10.30 -26.75 -2.72
N TRP A 162 10.06 -27.68 -1.81
CA TRP A 162 9.46 -27.31 -0.53
C TRP A 162 10.54 -26.98 0.47
N HIS A 163 10.47 -25.79 1.07
CA HIS A 163 11.41 -25.36 2.09
C HIS A 163 10.72 -25.43 3.42
N ASN A 164 11.24 -26.27 4.30
CA ASN A 164 10.65 -26.43 5.64
C ASN A 164 11.55 -25.63 6.58
N VAL A 165 10.94 -24.78 7.42
CA VAL A 165 11.69 -23.90 8.30
C VAL A 165 11.16 -23.95 9.74
N ALA A 166 12.05 -23.75 10.70
CA ALA A 166 11.61 -23.55 12.06
C ALA A 166 12.49 -22.42 12.61
N TYR A 167 11.87 -21.33 13.07
CA TYR A 167 12.63 -20.26 13.71
C TYR A 167 12.74 -20.72 15.17
N GLU A 168 13.96 -20.82 15.70
CA GLU A 168 14.17 -21.21 17.11
C GLU A 168 14.28 -19.87 17.83
N ILE A 169 13.23 -19.46 18.50
CA ILE A 169 13.27 -18.15 19.11
C ILE A 169 13.33 -18.24 20.64
N ASP A 170 14.28 -17.54 21.25
CA ASP A 170 14.36 -17.49 22.70
C ASP A 170 13.97 -16.06 23.02
N PHE A 171 12.72 -15.84 23.40
CA PHE A 171 12.26 -14.48 23.69
C PHE A 171 12.85 -13.90 24.99
N ALA A 172 13.44 -14.75 25.81
CA ALA A 172 14.02 -14.27 27.07
C ALA A 172 15.43 -13.77 26.81
N ALA A 173 16.21 -14.52 26.04
CA ALA A 173 17.56 -14.14 25.70
C ALA A 173 17.63 -13.16 24.53
N GLY A 174 16.56 -13.12 23.73
CA GLY A 174 16.59 -12.23 22.57
C GLY A 174 17.49 -12.79 21.49
N THR A 175 17.25 -14.05 21.11
CA THR A 175 18.04 -14.69 20.06
C THR A 175 17.14 -15.46 19.12
N VAL A 176 17.58 -15.65 17.88
CA VAL A 176 16.79 -16.44 16.94
C VAL A 176 17.74 -17.31 16.13
N GLY A 177 17.45 -18.60 16.11
CA GLY A 177 18.23 -19.59 15.36
C GLY A 177 17.38 -20.07 14.18
N PHE A 178 18.03 -20.70 13.21
CA PHE A 178 17.35 -21.10 11.99
C PHE A 178 17.52 -22.58 11.68
N TRP A 179 16.39 -23.29 11.61
CA TRP A 179 16.37 -24.71 11.27
C TRP A 179 15.73 -24.80 9.88
N HIS A 180 16.21 -25.71 9.05
CA HIS A 180 15.73 -25.77 7.68
C HIS A 180 15.98 -27.10 7.02
N SER A 181 15.17 -27.43 6.03
CA SER A 181 15.40 -28.61 5.20
C SER A 181 14.57 -28.39 3.95
N THR A 182 14.85 -29.17 2.91
CA THR A 182 14.01 -29.09 1.74
C THR A 182 13.42 -30.48 1.55
N GLY A 183 12.23 -30.54 0.96
CA GLY A 183 11.56 -31.80 0.69
C GLY A 183 11.17 -32.62 1.89
N SER A 184 11.61 -33.88 1.91
CA SER A 184 11.26 -34.78 3.01
C SER A 184 12.30 -34.87 4.08
N ASP A 185 13.45 -34.21 3.89
CA ASP A 185 14.49 -34.34 4.92
C ASP A 185 14.19 -33.65 6.24
N PRO A 186 14.68 -34.20 7.36
CA PRO A 186 14.48 -33.64 8.70
C PRO A 186 15.17 -32.27 8.81
N LEU A 187 14.57 -31.38 9.59
CA LEU A 187 15.16 -30.05 9.84
C LEU A 187 16.54 -30.18 10.52
N THR A 188 17.50 -29.36 10.09
CA THR A 188 18.77 -29.34 10.79
C THR A 188 19.04 -27.86 11.04
N ARG A 189 19.81 -27.55 12.09
CA ARG A 189 20.09 -26.16 12.42
C ARG A 189 21.19 -25.64 11.50
N LYS A 190 20.82 -24.67 10.69
CA LYS A 190 21.76 -24.12 9.74
C LYS A 190 22.44 -22.82 10.15
N VAL A 191 21.86 -22.14 11.14
CA VAL A 191 22.46 -20.92 11.71
C VAL A 191 22.17 -20.93 13.24
N ALA A 192 23.24 -20.91 14.02
CA ALA A 192 23.13 -20.86 15.48
C ALA A 192 22.39 -19.56 15.87
N PRO A 193 21.70 -19.55 17.01
CA PRO A 193 20.96 -18.34 17.43
C PRO A 193 21.74 -17.04 17.32
N VAL A 194 21.10 -16.05 16.68
CA VAL A 194 21.62 -14.71 16.44
C VAL A 194 20.90 -13.70 17.34
N LYS A 195 21.64 -12.76 17.93
CA LYS A 195 21.04 -11.75 18.81
C LYS A 195 20.32 -10.64 18.07
N THR A 196 19.15 -10.24 18.56
CA THR A 196 18.39 -9.14 17.97
C THR A 196 17.32 -8.76 18.96
N SER A 197 16.63 -7.64 18.73
CA SER A 197 15.54 -7.22 19.61
C SER A 197 14.32 -8.07 19.29
N THR A 198 14.02 -9.00 20.18
CA THR A 198 12.89 -9.85 19.98
C THR A 198 11.81 -9.25 20.87
N SER A 199 10.90 -8.50 20.26
CA SER A 199 9.83 -7.87 21.03
C SER A 199 8.59 -8.28 20.27
N SER A 200 7.66 -8.89 20.97
CA SER A 200 6.43 -9.36 20.33
C SER A 200 5.33 -9.46 21.34
N ASN A 201 4.09 -9.24 20.90
CA ASN A 201 2.92 -9.37 21.77
C ASN A 201 2.28 -10.73 21.57
N GLY A 202 2.79 -11.53 20.63
CA GLY A 202 2.20 -12.84 20.41
C GLY A 202 1.07 -12.84 19.39
N ALA A 203 0.60 -11.66 19.00
CA ALA A 203 -0.44 -11.53 17.99
C ALA A 203 0.19 -10.68 16.92
N ASP A 204 1.33 -11.13 16.41
CA ASP A 204 2.00 -10.35 15.40
C ASP A 204 2.93 -11.12 14.48
N TRP A 205 2.68 -12.41 14.31
CA TRP A 205 3.47 -13.18 13.38
C TRP A 205 2.59 -13.23 12.14
N HIS A 206 3.13 -12.75 11.03
CA HIS A 206 2.37 -12.66 9.79
C HIS A 206 2.70 -13.81 8.86
N VAL A 207 1.81 -14.78 8.83
CA VAL A 207 1.93 -15.97 7.99
C VAL A 207 1.37 -15.55 6.67
N GLY A 208 2.27 -15.30 5.74
CA GLY A 208 1.84 -14.82 4.46
C GLY A 208 2.95 -14.02 3.83
N VAL A 209 2.59 -13.13 2.92
CA VAL A 209 3.55 -12.37 2.13
C VAL A 209 3.22 -10.91 1.95
N LEU A 210 4.28 -10.10 2.00
CA LEU A 210 4.18 -8.67 1.77
C LEU A 210 5.16 -8.42 0.62
N GLU A 211 4.74 -7.66 -0.40
CA GLU A 211 5.63 -7.37 -1.52
C GLU A 211 5.74 -5.86 -1.71
N LEU A 212 6.97 -5.33 -1.72
CA LEU A 212 7.14 -3.90 -1.91
C LEU A 212 7.04 -3.51 -3.38
N PRO A 213 6.60 -2.29 -3.68
CA PRO A 213 6.53 -1.88 -5.09
C PRO A 213 7.96 -1.53 -5.52
N ARG A 214 8.19 -1.48 -6.83
CA ARG A 214 9.47 -1.06 -7.37
C ARG A 214 9.13 -0.38 -8.67
N SER A 215 9.66 0.82 -8.83
CA SER A 215 9.42 1.62 -10.01
C SER A 215 9.59 0.85 -11.33
N GLY A 216 8.56 0.92 -12.16
CA GLY A 216 8.59 0.25 -13.44
C GLY A 216 8.23 -1.23 -13.43
N TYR A 217 7.67 -1.73 -12.32
CA TYR A 217 7.30 -3.15 -12.27
C TYR A 217 5.84 -3.29 -11.88
N PRO A 218 4.98 -3.59 -12.86
CA PRO A 218 3.55 -3.74 -12.65
C PRO A 218 3.21 -5.03 -11.92
N ASP A 219 2.06 -5.03 -11.26
CA ASP A 219 1.57 -6.21 -10.56
C ASP A 219 1.18 -7.32 -11.54
N SER A 220 1.50 -8.55 -11.16
CA SER A 220 1.10 -9.73 -11.89
C SER A 220 0.77 -10.69 -10.74
N ASN A 221 -0.08 -11.66 -11.00
CA ASN A 221 -0.44 -12.60 -9.96
C ASN A 221 0.75 -13.39 -9.50
N GLU A 222 0.86 -13.55 -8.18
CA GLU A 222 1.95 -14.29 -7.55
C GLU A 222 1.34 -15.25 -6.55
N ASP A 223 1.73 -16.51 -6.67
CA ASP A 223 1.22 -17.58 -5.80
C ASP A 223 2.32 -18.16 -4.91
N PHE A 224 2.00 -18.36 -3.63
CA PHE A 224 2.93 -18.93 -2.65
C PHE A 224 2.20 -20.09 -1.99
N TYR A 225 2.86 -21.23 -1.85
CA TYR A 225 2.25 -22.43 -1.28
C TYR A 225 2.78 -22.67 0.10
N TRP A 226 1.89 -22.97 1.03
CA TRP A 226 2.27 -23.14 2.43
C TRP A 226 1.66 -24.37 3.06
N SER A 227 2.39 -25.00 3.99
CA SER A 227 1.81 -26.13 4.74
C SER A 227 2.62 -26.28 6.03
N GLY A 228 2.13 -27.11 6.94
CA GLY A 228 2.89 -27.35 8.16
C GLY A 228 3.18 -26.14 9.02
N VAL A 229 2.27 -25.21 9.09
CA VAL A 229 2.47 -24.03 9.91
C VAL A 229 1.98 -24.31 11.34
N TYR A 230 2.85 -24.26 12.33
CA TYR A 230 2.46 -24.48 13.73
C TYR A 230 3.56 -23.97 14.66
N ILE A 231 3.23 -23.82 15.92
CA ILE A 231 4.18 -23.32 16.90
C ILE A 231 4.25 -24.30 18.06
N GLU A 232 5.46 -24.67 18.46
CA GLU A 232 5.61 -25.64 19.54
C GLU A 232 6.66 -25.19 20.56
N SER A 233 6.62 -25.76 21.75
CA SER A 233 7.61 -25.40 22.76
C SER A 233 8.20 -26.66 23.32
N GLY A 234 9.26 -26.49 24.12
CA GLY A 234 9.93 -27.60 24.75
C GLY A 234 10.21 -28.75 23.80
N SER A 235 11.33 -28.68 23.09
CA SER A 235 11.72 -29.74 22.14
C SER A 235 11.22 -29.52 20.72
N LEU A 236 12.15 -29.51 19.78
CA LEU A 236 11.82 -29.29 18.39
C LEU A 236 11.53 -30.59 17.65
N THR A 237 10.46 -30.57 16.88
CA THR A 237 10.11 -31.72 16.06
C THR A 237 10.84 -31.47 14.75
N THR A 238 11.81 -32.31 14.40
CA THR A 238 12.56 -32.10 13.17
C THR A 238 11.92 -32.79 11.97
N SER A 239 11.01 -33.71 12.23
CA SER A 239 10.31 -34.42 11.17
C SER A 239 9.39 -33.45 10.42
N VAL A 240 9.47 -33.45 9.09
CA VAL A 240 8.60 -32.54 8.36
C VAL A 240 7.13 -32.95 8.42
N ALA A 241 6.87 -34.20 8.86
CA ALA A 241 5.49 -34.67 8.97
C ALA A 241 4.84 -34.22 10.27
N GLY A 242 5.59 -33.55 11.14
CA GLY A 242 5.04 -33.02 12.38
C GLY A 242 4.91 -33.97 13.56
N PRO A 243 4.55 -33.46 14.74
CA PRO A 243 4.42 -34.32 15.94
C PRO A 243 3.36 -35.41 15.74
N GLY A 244 3.54 -36.55 16.39
CA GLY A 244 2.54 -37.60 16.28
C GLY A 244 2.36 -38.32 14.95
N GLN A 245 3.19 -37.98 13.97
CA GLN A 245 3.12 -38.65 12.67
C GLN A 245 4.35 -39.52 12.53
N PRO A 246 4.27 -40.56 11.70
CA PRO A 246 5.46 -41.42 11.54
C PRO A 246 6.53 -40.55 10.83
N ILE A 247 7.77 -40.71 11.22
CA ILE A 247 8.86 -39.94 10.63
C ILE A 247 9.22 -40.48 9.24
N PRO A 248 9.08 -39.64 8.19
CA PRO A 248 9.40 -40.08 6.83
C PRO A 248 10.82 -40.66 6.72
N GLY B 1 32.30 4.54 46.78
CA GLY B 1 31.64 5.80 46.83
C GLY B 1 31.93 6.77 45.72
N THR B 2 31.61 6.44 44.45
CA THR B 2 31.80 7.39 43.44
C THR B 2 31.45 6.95 42.00
N ILE B 3 31.86 7.82 41.15
CA ILE B 3 31.59 7.68 39.76
C ILE B 3 32.56 6.67 39.20
N LEU B 4 32.04 5.65 38.61
CA LEU B 4 32.77 4.68 37.93
C LEU B 4 33.03 5.04 36.48
N TRP B 5 32.01 5.46 35.74
CA TRP B 5 32.15 5.89 34.35
C TRP B 5 31.31 7.17 34.16
N ASP B 6 31.88 8.15 33.48
CA ASP B 6 31.20 9.44 33.30
C ASP B 6 30.90 9.71 31.84
N GLY B 7 29.62 9.68 31.45
CA GLY B 7 29.29 9.94 30.06
C GLY B 7 28.57 11.27 29.87
N ARG B 8 28.87 12.24 30.72
CA ARG B 8 28.24 13.57 30.63
C ARG B 8 28.86 14.52 29.59
N PHE B 9 29.87 14.01 28.90
CA PHE B 9 30.57 14.71 27.80
C PHE B 9 31.37 15.92 28.27
N ASN B 10 31.66 16.02 29.56
CA ASN B 10 32.37 17.20 30.06
C ASN B 10 33.76 17.43 29.51
N ASP B 11 34.41 16.37 29.03
CA ASP B 11 35.74 16.48 28.44
C ASP B 11 35.68 16.53 26.93
N MET B 12 34.48 16.71 26.39
CA MET B 12 34.31 16.75 24.94
C MET B 12 33.91 18.14 24.52
N THR B 13 34.40 18.61 23.39
CA THR B 13 34.02 19.93 22.90
C THR B 13 32.81 19.89 22.00
N SER B 14 32.77 18.90 21.11
CA SER B 14 31.64 18.76 20.19
C SER B 14 31.50 17.27 19.89
N SER B 15 30.45 16.89 19.17
CA SER B 15 30.25 15.49 18.87
C SER B 15 31.35 14.97 17.95
N ALA B 16 32.08 15.89 17.31
CA ALA B 16 33.19 15.49 16.46
C ALA B 16 34.20 14.65 17.26
N ASP B 17 34.29 14.90 18.56
CA ASP B 17 35.20 14.13 19.38
C ASP B 17 34.89 12.63 19.42
N LEU B 18 33.66 12.26 19.10
CA LEU B 18 33.31 10.84 19.04
C LEU B 18 34.10 10.16 17.92
N ASN B 19 34.49 10.93 16.89
CA ASN B 19 35.27 10.36 15.78
C ASN B 19 36.65 9.87 16.24
N LYS B 20 37.07 10.26 17.45
CA LYS B 20 38.37 9.83 17.96
C LYS B 20 38.41 8.34 18.33
N TRP B 21 37.24 7.78 18.55
CA TRP B 21 37.15 6.37 18.91
C TRP B 21 37.09 5.50 17.64
N SER B 22 37.74 4.34 17.73
CA SER B 22 37.75 3.34 16.66
C SER B 22 38.02 2.01 17.34
N TRP B 23 37.69 0.92 16.66
CA TRP B 23 37.90 -0.40 17.24
C TRP B 23 39.36 -0.67 17.59
N GLY B 24 40.29 -0.17 16.79
CA GLY B 24 41.69 -0.41 17.08
C GLY B 24 42.28 0.65 17.98
N ASN B 25 41.43 1.58 18.44
CA ASN B 25 41.88 2.66 19.30
C ASN B 25 40.66 3.14 20.11
N GLN B 26 40.29 2.33 21.10
CA GLN B 26 39.13 2.60 21.93
C GLN B 26 39.37 3.62 23.03
N VAL B 27 39.57 4.87 22.64
CA VAL B 27 39.83 5.92 23.60
C VAL B 27 38.59 6.75 23.88
N GLY B 28 38.64 7.51 24.98
CA GLY B 28 37.52 8.35 25.32
C GLY B 28 36.45 7.56 26.08
N PRO B 29 35.38 8.25 26.42
CA PRO B 29 34.28 7.65 27.19
C PRO B 29 33.22 6.87 26.44
N TYR B 30 33.14 7.04 25.12
CA TYR B 30 32.08 6.38 24.36
C TYR B 30 32.49 5.63 23.12
N GLN B 31 31.91 4.46 22.92
CA GLN B 31 32.17 3.76 21.69
C GLN B 31 31.17 4.38 20.76
N TYR B 32 31.57 4.64 19.52
CA TYR B 32 30.65 5.22 18.56
C TYR B 32 30.74 4.45 17.26
N TYR B 33 29.84 3.49 17.05
CA TYR B 33 29.88 2.74 15.80
C TYR B 33 28.46 2.38 15.32
N ILE B 34 27.48 2.40 16.23
CA ILE B 34 26.11 2.11 15.81
C ILE B 34 25.42 3.37 15.29
N HIS B 35 25.57 3.61 13.99
CA HIS B 35 25.00 4.77 13.36
C HIS B 35 25.03 4.53 11.86
N GLY B 36 24.32 5.39 11.14
CA GLY B 36 24.26 5.28 9.70
C GLY B 36 25.49 5.82 8.96
N SER B 37 25.36 5.93 7.66
CA SER B 37 26.47 6.37 6.82
C SER B 37 26.84 7.84 6.79
N SER B 38 26.03 8.71 7.39
CA SER B 38 26.34 10.16 7.38
C SER B 38 27.34 10.56 8.47
N PRO B 39 27.91 11.78 8.39
CA PRO B 39 28.88 12.26 9.38
C PRO B 39 28.18 12.34 10.73
N VAL B 40 28.96 12.35 11.81
CA VAL B 40 28.42 12.41 13.15
C VAL B 40 27.40 13.53 13.39
N SER B 41 27.62 14.72 12.82
CA SER B 41 26.69 15.83 13.03
C SER B 41 25.26 15.57 12.56
N ALA B 42 25.07 14.53 11.75
CA ALA B 42 23.72 14.18 11.30
C ALA B 42 22.97 13.45 12.41
N TYR B 43 23.71 12.86 13.35
CA TYR B 43 23.11 12.04 14.40
C TYR B 43 23.31 12.45 15.86
N VAL B 44 24.43 13.10 16.16
CA VAL B 44 24.72 13.50 17.52
C VAL B 44 25.31 14.92 17.48
N ASN B 45 24.76 15.80 18.32
CA ASN B 45 25.21 17.20 18.43
C ASN B 45 25.15 17.61 19.89
N LEU B 46 26.18 18.32 20.34
CA LEU B 46 26.23 18.75 21.72
C LEU B 46 25.95 20.25 21.86
N SER B 47 25.36 20.62 23.00
CA SER B 47 25.03 22.02 23.31
C SER B 47 24.48 22.19 24.72
N PRO B 48 24.76 23.35 25.35
CA PRO B 48 24.26 23.62 26.71
C PRO B 48 22.74 23.68 26.67
N ASP B 49 22.21 23.99 25.50
CA ASP B 49 20.78 24.10 25.30
C ASP B 49 20.11 22.71 25.25
N TYR B 50 20.89 21.65 25.08
CA TYR B 50 20.29 20.31 24.98
C TYR B 50 20.30 19.50 26.27
N LYS B 51 20.67 20.12 27.38
CA LYS B 51 20.72 19.39 28.65
C LYS B 51 19.60 19.85 29.60
N ASN B 52 19.41 19.10 30.69
CA ASN B 52 18.46 19.48 31.71
C ASN B 52 19.10 20.73 32.39
N PRO B 53 18.42 21.89 32.35
CA PRO B 53 18.96 23.12 32.96
C PRO B 53 19.38 22.99 34.42
N ALA B 54 18.71 22.13 35.18
CA ALA B 54 19.05 21.93 36.60
C ALA B 54 20.27 21.04 36.84
N ASP B 55 20.75 20.36 35.80
CA ASP B 55 21.92 19.49 35.99
C ASP B 55 23.20 20.30 35.83
N THR B 56 23.68 20.91 36.92
CA THR B 56 24.92 21.70 36.83
C THR B 56 26.18 20.80 36.75
N GLY B 57 25.98 19.49 36.82
CA GLY B 57 27.09 18.56 36.71
C GLY B 57 27.39 18.27 35.24
N SER B 58 26.51 18.74 34.36
CA SER B 58 26.70 18.52 32.92
C SER B 58 26.81 19.86 32.21
N ARG B 59 27.89 20.04 31.46
CA ARG B 59 28.09 21.32 30.77
C ARG B 59 27.23 21.42 29.51
N GLN B 60 27.13 20.32 28.77
CA GLN B 60 26.34 20.27 27.55
C GLN B 60 25.51 18.96 27.54
N GLY B 61 24.42 18.98 26.78
CA GLY B 61 23.57 17.83 26.61
C GLY B 61 23.75 17.43 25.16
N ALA B 62 23.22 16.26 24.78
CA ALA B 62 23.35 15.80 23.41
C ALA B 62 22.00 15.60 22.75
N LYS B 63 21.89 16.03 21.51
CA LYS B 63 20.68 15.79 20.74
C LYS B 63 21.04 14.57 19.90
N ILE B 64 20.27 13.51 20.04
CA ILE B 64 20.49 12.28 19.29
C ILE B 64 19.34 12.22 18.29
N THR B 65 19.70 12.05 17.03
CA THR B 65 18.75 12.10 15.93
C THR B 65 18.65 10.87 15.07
N LEU B 66 17.43 10.57 14.64
CA LEU B 66 17.20 9.47 13.71
C LEU B 66 16.70 10.13 12.43
N ASP B 67 17.36 9.89 11.31
CA ASP B 67 16.85 10.44 10.07
C ASP B 67 16.73 9.33 9.07
N ASN B 68 16.52 9.65 7.80
CA ASN B 68 16.34 8.61 6.80
C ASN B 68 17.51 7.69 6.61
N THR B 69 18.70 8.14 7.01
CA THR B 69 19.89 7.34 6.82
C THR B 69 20.37 6.66 8.12
N ALA B 70 19.64 6.83 9.21
CA ALA B 70 20.09 6.24 10.47
C ALA B 70 19.87 4.73 10.58
N TYR B 71 20.51 3.97 9.68
CA TYR B 71 20.45 2.50 9.68
C TYR B 71 21.87 1.99 9.74
N TRP B 72 22.16 1.10 10.68
CA TRP B 72 23.51 0.59 10.81
C TRP B 72 23.71 -0.75 10.13
N ASN B 73 24.71 -0.80 9.26
CA ASN B 73 25.09 -2.04 8.59
C ASN B 73 23.96 -2.84 7.92
N GLY B 74 23.05 -2.15 7.25
CA GLY B 74 21.98 -2.85 6.53
C GLY B 74 20.84 -3.41 7.37
N GLN B 75 20.77 -3.03 8.64
CA GLN B 75 19.66 -3.49 9.49
C GLN B 75 18.41 -2.75 9.10
N ASN B 76 17.26 -3.26 9.57
CA ASN B 76 15.99 -2.67 9.24
C ASN B 76 15.42 -1.76 10.35
N MET B 77 16.15 -1.63 11.45
CA MET B 77 15.74 -0.77 12.55
C MET B 77 16.56 0.56 12.50
N ARG B 78 15.97 1.69 12.89
CA ARG B 78 16.76 2.93 12.89
C ARG B 78 17.52 3.04 14.22
N ARG B 79 18.81 3.35 14.17
CA ARG B 79 19.56 3.42 15.38
C ARG B 79 20.63 4.50 15.38
N THR B 80 20.80 5.12 16.55
CA THR B 80 21.85 6.09 16.82
C THR B 80 22.13 5.81 18.28
N GLU B 81 23.24 5.14 18.54
CA GLU B 81 23.54 4.73 19.92
C GLU B 81 25.00 4.87 20.26
N LEU B 82 25.25 5.26 21.51
CA LEU B 82 26.62 5.37 22.04
C LEU B 82 26.68 4.30 23.12
N ILE B 83 27.86 3.71 23.35
CA ILE B 83 28.03 2.68 24.36
C ILE B 83 29.20 3.09 25.28
N PRO B 84 29.06 2.91 26.60
CA PRO B 84 30.18 3.30 27.47
C PRO B 84 31.47 2.57 27.09
N GLN B 85 32.59 3.29 27.13
CA GLN B 85 33.91 2.71 26.88
C GLN B 85 34.55 2.79 28.25
N THR B 86 34.67 1.64 28.92
CA THR B 86 35.19 1.60 30.28
C THR B 86 35.65 0.22 30.68
N THR B 87 36.60 0.17 31.60
CA THR B 87 37.09 -1.09 32.12
C THR B 87 36.50 -1.33 33.51
N ALA B 88 35.87 -0.31 34.10
CA ALA B 88 35.30 -0.42 35.44
C ALA B 88 34.22 -1.47 35.49
N ALA B 89 34.02 -2.06 36.68
CA ALA B 89 33.03 -3.11 36.86
C ALA B 89 31.61 -2.59 36.97
N ILE B 90 31.10 -2.07 35.85
CA ILE B 90 29.76 -1.53 35.82
C ILE B 90 28.73 -2.62 35.64
N ASN B 91 29.20 -3.87 35.54
CA ASN B 91 28.34 -5.01 35.33
C ASN B 91 28.40 -6.02 36.47
N GLN B 92 28.84 -5.57 37.63
CA GLN B 92 28.93 -6.46 38.79
C GLN B 92 28.48 -5.75 40.05
N GLY B 93 27.83 -6.51 40.93
CA GLY B 93 27.35 -5.95 42.18
C GLY B 93 26.21 -4.97 42.01
N LYS B 94 26.10 -4.06 42.98
CA LYS B 94 25.09 -3.02 43.02
C LYS B 94 25.62 -1.77 42.33
N VAL B 95 24.94 -1.37 41.26
CA VAL B 95 25.38 -0.23 40.46
C VAL B 95 24.16 0.62 40.07
N TYR B 96 24.37 1.94 39.97
CA TYR B 96 23.30 2.86 39.58
C TYR B 96 23.58 3.48 38.20
N TYR B 97 22.69 3.25 37.24
CA TYR B 97 22.84 3.82 35.90
C TYR B 97 21.98 5.06 35.81
N HIS B 98 22.63 6.21 35.56
CA HIS B 98 21.93 7.50 35.46
C HIS B 98 21.81 8.07 34.04
N PHE B 99 20.71 8.76 33.77
CA PHE B 99 20.54 9.51 32.53
C PHE B 99 19.31 10.38 32.62
N SER B 100 19.29 11.45 31.80
CA SER B 100 18.17 12.37 31.76
C SER B 100 17.78 12.39 30.30
N LEU B 101 16.48 12.39 30.04
CA LEU B 101 15.94 12.34 28.66
C LEU B 101 14.81 13.34 28.47
N MET B 102 14.72 13.92 27.27
CA MET B 102 13.63 14.86 27.01
C MET B 102 13.33 14.80 25.53
N ARG B 103 12.07 15.08 25.17
CA ARG B 103 11.64 15.14 23.78
C ARG B 103 10.96 16.47 23.60
N LYS B 104 10.87 16.92 22.36
CA LYS B 104 10.20 18.16 22.04
C LYS B 104 9.04 17.82 21.12
N ASP B 105 8.24 18.82 20.76
CA ASP B 105 7.15 18.56 19.83
C ASP B 105 7.76 18.71 18.45
N ILE B 106 8.92 19.35 18.38
CA ILE B 106 9.62 19.49 17.09
C ILE B 106 10.39 18.18 16.85
N ASN B 107 10.18 17.56 15.69
CA ASN B 107 10.79 16.26 15.37
C ASN B 107 10.50 15.27 16.48
N ALA B 108 9.24 15.21 16.91
CA ALA B 108 8.88 14.32 17.99
C ALA B 108 9.00 12.83 17.67
N PRO B 109 9.34 12.02 18.68
CA PRO B 109 9.46 10.58 18.45
C PRO B 109 8.09 10.13 17.95
N ALA B 110 8.06 9.19 17.01
CA ALA B 110 6.80 8.71 16.48
C ALA B 110 6.07 7.90 17.54
N THR B 111 4.78 8.15 17.70
CA THR B 111 4.03 7.39 18.70
C THR B 111 3.53 6.11 18.07
N THR B 112 3.77 5.99 16.77
CA THR B 112 3.33 4.85 15.98
C THR B 112 4.31 3.69 15.86
N ARG B 113 5.52 3.85 16.40
CA ARG B 113 6.52 2.79 16.30
C ARG B 113 7.17 2.62 17.65
N GLU B 114 7.65 1.41 17.92
CA GLU B 114 8.26 1.11 19.18
C GLU B 114 9.68 1.63 19.20
N HIS B 115 10.03 2.27 20.30
CA HIS B 115 11.39 2.77 20.49
C HIS B 115 11.94 2.07 21.72
N GLN B 116 13.19 1.62 21.64
CA GLN B 116 13.90 1.04 22.78
C GLN B 116 14.98 2.09 23.11
N ILE B 117 15.02 2.52 24.36
CA ILE B 117 15.86 3.65 24.78
C ILE B 117 16.69 3.32 26.00
N ALA B 118 17.98 3.65 25.99
CA ALA B 118 18.85 3.40 27.13
C ALA B 118 18.70 1.94 27.54
N PHE B 119 18.85 1.06 26.57
CA PHE B 119 18.63 -0.35 26.79
C PHE B 119 19.89 -1.16 26.81
N PHE B 120 19.87 -2.27 27.53
CA PHE B 120 21.01 -3.18 27.56
C PHE B 120 20.80 -4.13 26.37
N GLU B 121 21.89 -4.69 25.85
CA GLU B 121 21.82 -5.60 24.69
C GLU B 121 20.84 -6.75 24.93
N SER B 122 20.83 -7.29 26.16
CA SER B 122 19.95 -8.40 26.51
C SER B 122 18.54 -7.89 26.81
N HIS B 123 18.42 -6.58 26.93
CA HIS B 123 17.12 -5.95 27.20
C HIS B 123 16.54 -6.33 28.56
N PHE B 124 17.39 -6.61 29.54
CA PHE B 124 16.86 -6.94 30.86
C PHE B 124 16.15 -5.71 31.46
N THR B 125 16.51 -4.52 30.98
CA THR B 125 15.83 -3.30 31.39
C THR B 125 16.10 -2.24 30.32
N GLU B 126 15.19 -1.27 30.21
CA GLU B 126 15.27 -0.23 29.19
C GLU B 126 14.03 0.64 29.33
N LEU B 127 13.99 1.72 28.58
CA LEU B 127 12.78 2.53 28.54
C LEU B 127 12.24 2.24 27.14
N LYS B 128 10.93 2.36 26.96
CA LYS B 128 10.35 2.22 25.63
C LYS B 128 9.39 3.36 25.45
N SER B 129 9.11 3.68 24.20
CA SER B 129 8.13 4.71 23.91
C SER B 129 7.43 4.30 22.64
N GLY B 130 6.29 4.91 22.39
CA GLY B 130 5.53 4.63 21.20
C GLY B 130 4.75 3.32 21.28
N TRP B 131 4.08 3.01 20.18
CA TRP B 131 3.29 1.79 20.06
C TRP B 131 4.19 0.58 20.29
N LEU B 132 3.78 -0.35 21.16
CA LEU B 132 4.61 -1.54 21.38
C LEU B 132 4.30 -2.59 20.29
N SER B 133 5.33 -2.99 19.56
CA SER B 133 5.20 -3.98 18.48
C SER B 133 4.42 -5.15 19.07
N GLY B 134 3.11 -5.10 18.90
CA GLY B 134 2.30 -6.15 19.47
C GLY B 134 0.90 -5.99 18.95
N ALA B 135 0.69 -4.88 18.27
CA ALA B 135 -0.58 -4.58 17.60
C ALA B 135 -1.62 -3.65 18.19
N PRO B 136 -2.17 -3.98 19.38
CA PRO B 136 -3.20 -3.13 19.98
C PRO B 136 -3.73 -2.02 19.07
N GLY B 137 -3.49 -0.78 19.45
CA GLY B 137 -3.99 0.31 18.63
C GLY B 137 -3.01 0.70 17.55
N ILE B 138 -2.87 2.01 17.36
CA ILE B 138 -1.98 2.57 16.37
C ILE B 138 -0.93 3.48 17.01
N SER B 139 -1.33 4.21 18.05
CA SER B 139 -0.42 5.15 18.71
C SER B 139 -0.43 4.98 20.22
N ASP B 140 0.72 5.21 20.83
CA ASP B 140 0.89 5.09 22.27
C ASP B 140 1.69 6.34 22.67
N THR B 141 1.19 7.13 23.61
CA THR B 141 1.87 8.36 23.99
C THR B 141 2.70 8.24 25.27
N LEU B 142 2.79 7.04 25.82
CA LEU B 142 3.52 6.81 27.05
C LEU B 142 5.01 6.58 26.89
N LEU B 143 5.73 6.93 27.95
CA LEU B 143 7.15 6.65 28.08
C LEU B 143 7.05 5.54 29.15
N ARG B 144 7.70 4.40 28.92
CA ARG B 144 7.63 3.29 29.84
C ARG B 144 8.96 2.79 30.32
N TRP B 145 8.99 2.26 31.53
CA TRP B 145 10.20 1.63 32.04
C TRP B 145 9.88 0.13 32.01
N CYS B 146 10.76 -0.67 31.43
CA CYS B 146 10.51 -2.11 31.33
C CYS B 146 11.59 -2.97 31.96
N VAL B 147 11.21 -4.17 32.37
CA VAL B 147 12.13 -5.11 32.95
C VAL B 147 11.78 -6.42 32.26
N GLY B 148 12.78 -7.13 31.75
CA GLY B 148 12.50 -8.37 31.06
C GLY B 148 11.45 -8.15 29.98
N GLY B 149 11.44 -6.96 29.39
CA GLY B 149 10.48 -6.66 28.33
C GLY B 149 9.07 -6.26 28.78
N GLN B 150 8.81 -6.28 30.08
CA GLN B 150 7.48 -5.93 30.56
C GLN B 150 7.49 -4.58 31.30
N THR B 151 6.48 -3.77 31.00
CA THR B 151 6.34 -2.44 31.61
C THR B 151 6.07 -2.55 33.11
N GLN B 152 6.83 -1.80 33.91
CA GLN B 152 6.64 -1.81 35.35
C GLN B 152 6.24 -0.40 35.82
N TRP B 153 6.38 0.59 34.94
CA TRP B 153 6.05 1.97 35.26
C TRP B 153 5.88 2.73 33.93
N SER B 154 4.99 3.71 33.90
CA SER B 154 4.80 4.50 32.69
C SER B 154 4.16 5.86 33.01
N VAL B 155 4.30 6.78 32.05
CA VAL B 155 3.73 8.11 32.20
C VAL B 155 3.52 8.71 30.82
N GLU B 156 2.57 9.63 30.71
CA GLU B 156 2.37 10.31 29.44
C GLU B 156 3.66 11.09 29.24
N TRP B 157 4.19 11.06 28.03
CA TRP B 157 5.46 11.75 27.73
C TRP B 157 5.16 13.09 27.11
N ALA B 158 5.27 14.14 27.92
CA ALA B 158 5.02 15.50 27.46
C ALA B 158 6.29 16.12 26.89
N ALA B 159 6.13 17.04 25.95
CA ALA B 159 7.27 17.72 25.37
C ALA B 159 7.90 18.69 26.39
N ASP B 160 9.21 18.88 26.22
CA ASP B 160 10.04 19.77 27.02
C ASP B 160 10.28 19.42 28.47
N VAL B 161 9.75 18.28 28.92
CA VAL B 161 9.95 17.86 30.29
C VAL B 161 11.15 16.91 30.39
N TRP B 162 12.05 17.20 31.33
CA TRP B 162 13.21 16.35 31.52
C TRP B 162 12.90 15.22 32.48
N HIS B 163 13.12 14.00 32.03
CA HIS B 163 12.92 12.83 32.87
C HIS B 163 14.29 12.33 33.28
N ASN B 164 14.53 12.35 34.58
CA ASN B 164 15.77 11.91 35.19
C ASN B 164 15.53 10.49 35.69
N VAL B 165 16.43 9.57 35.34
CA VAL B 165 16.30 8.19 35.71
C VAL B 165 17.56 7.59 36.32
N ALA B 166 17.40 6.61 37.21
CA ALA B 166 18.56 5.85 37.68
C ALA B 166 18.07 4.42 37.76
N TYR B 167 18.75 3.50 37.09
CA TYR B 167 18.39 2.09 37.19
C TYR B 167 19.21 1.65 38.38
N GLU B 168 18.56 0.99 39.34
CA GLU B 168 19.29 0.49 40.49
C GLU B 168 19.43 -0.98 40.14
N ILE B 169 20.63 -1.37 39.73
CA ILE B 169 20.86 -2.74 39.30
C ILE B 169 21.77 -3.52 40.24
N ASP B 170 21.26 -4.67 40.67
CA ASP B 170 22.06 -5.54 41.52
C ASP B 170 22.38 -6.71 40.60
N PHE B 171 23.59 -6.68 40.05
CA PHE B 171 24.08 -7.69 39.12
C PHE B 171 24.37 -9.06 39.74
N ALA B 172 24.38 -9.12 41.07
CA ALA B 172 24.62 -10.40 41.74
C ALA B 172 23.25 -11.03 42.00
N ALA B 173 22.33 -10.26 42.58
CA ALA B 173 21.02 -10.78 42.89
C ALA B 173 20.13 -10.92 41.67
N GLY B 174 20.41 -10.13 40.63
CA GLY B 174 19.61 -10.21 39.43
C GLY B 174 18.35 -9.39 39.53
N THR B 175 18.46 -8.16 40.03
CA THR B 175 17.29 -7.29 40.16
C THR B 175 17.60 -5.87 39.75
N VAL B 176 16.54 -5.16 39.36
CA VAL B 176 16.63 -3.77 38.94
C VAL B 176 15.50 -2.93 39.55
N GLY B 177 15.87 -1.83 40.20
CA GLY B 177 14.87 -0.94 40.78
C GLY B 177 14.79 0.29 39.87
N PHE B 178 13.74 1.10 40.00
CA PHE B 178 13.62 2.28 39.13
C PHE B 178 13.48 3.56 39.95
N TRP B 179 14.43 4.48 39.77
CA TRP B 179 14.42 5.77 40.44
C TRP B 179 14.12 6.81 39.35
N HIS B 180 13.33 7.81 39.69
CA HIS B 180 12.96 8.78 38.67
C HIS B 180 12.48 10.10 39.25
N SER B 181 12.52 11.12 38.42
CA SER B 181 11.99 12.43 38.77
C SER B 181 11.86 13.21 37.48
N THR B 182 11.10 14.31 37.51
CA THR B 182 11.05 15.19 36.34
C THR B 182 11.64 16.53 36.79
N GLY B 183 12.26 17.24 35.85
CA GLY B 183 12.79 18.57 36.13
C GLY B 183 14.02 18.65 37.04
N SER B 184 13.91 19.42 38.12
CA SER B 184 15.02 19.58 39.05
C SER B 184 14.81 18.78 40.34
N ASP B 185 13.76 18.00 40.41
CA ASP B 185 13.53 17.26 41.64
C ASP B 185 14.46 16.07 41.81
N PRO B 186 14.87 15.79 43.06
CA PRO B 186 15.76 14.65 43.33
C PRO B 186 15.05 13.36 42.95
N LEU B 187 15.82 12.35 42.56
CA LEU B 187 15.23 11.06 42.20
C LEU B 187 14.59 10.37 43.42
N THR B 188 13.45 9.73 43.23
CA THR B 188 12.85 8.97 44.32
C THR B 188 12.55 7.61 43.72
N ARG B 189 12.46 6.58 44.55
CA ARG B 189 12.19 5.26 44.01
C ARG B 189 10.74 5.04 43.64
N LYS B 190 10.48 4.85 42.35
CA LYS B 190 9.11 4.62 41.92
C LYS B 190 8.74 3.15 41.87
N VAL B 191 9.72 2.27 41.66
CA VAL B 191 9.46 0.84 41.61
C VAL B 191 10.58 0.11 42.35
N ALA B 192 10.22 -0.69 43.36
CA ALA B 192 11.23 -1.41 44.11
C ALA B 192 11.85 -2.48 43.19
N PRO B 193 13.07 -2.93 43.50
CA PRO B 193 13.83 -3.95 42.75
C PRO B 193 13.05 -5.16 42.28
N VAL B 194 12.98 -5.29 40.95
CA VAL B 194 12.29 -6.37 40.26
C VAL B 194 13.29 -7.45 39.81
N LYS B 195 12.87 -8.72 39.86
CA LYS B 195 13.72 -9.83 39.45
C LYS B 195 13.72 -10.03 37.95
N THR B 196 14.89 -10.30 37.39
CA THR B 196 14.99 -10.54 35.94
C THR B 196 16.37 -11.08 35.59
N SER B 197 16.50 -11.59 34.37
CA SER B 197 17.79 -12.11 33.93
C SER B 197 18.73 -10.91 33.66
N THR B 198 19.54 -10.58 34.65
CA THR B 198 20.46 -9.45 34.58
C THR B 198 21.87 -9.89 34.22
N SER B 199 22.29 -9.53 33.02
CA SER B 199 23.61 -9.89 32.55
C SER B 199 24.04 -8.82 31.59
N SER B 200 25.25 -8.28 31.81
CA SER B 200 25.84 -7.26 30.95
C SER B 200 27.33 -7.56 30.85
N ASN B 201 27.93 -7.29 29.69
CA ASN B 201 29.36 -7.51 29.49
C ASN B 201 30.13 -6.20 29.67
N GLY B 202 29.41 -5.16 30.07
CA GLY B 202 30.05 -3.88 30.30
C GLY B 202 30.29 -3.04 29.06
N ALA B 203 29.88 -3.55 27.90
CA ALA B 203 30.04 -2.80 26.63
C ALA B 203 28.78 -3.06 25.84
N ASP B 204 27.66 -3.08 26.55
CA ASP B 204 26.38 -3.36 25.93
C ASP B 204 25.22 -2.52 26.45
N TRP B 205 25.51 -1.35 27.01
CA TRP B 205 24.42 -0.45 27.44
C TRP B 205 24.36 0.60 26.36
N HIS B 206 23.21 0.66 25.68
CA HIS B 206 23.01 1.56 24.59
C HIS B 206 22.36 2.88 24.94
N VAL B 207 23.21 3.91 25.03
CA VAL B 207 22.77 5.26 25.33
C VAL B 207 22.41 5.85 23.98
N GLY B 208 21.12 5.81 23.69
CA GLY B 208 20.65 6.25 22.39
C GLY B 208 19.30 5.59 22.19
N VAL B 209 18.90 5.49 20.92
CA VAL B 209 17.56 5.02 20.59
C VAL B 209 17.57 4.05 19.42
N LEU B 210 16.72 3.02 19.50
CA LEU B 210 16.56 2.02 18.46
C LEU B 210 15.06 2.11 18.17
N GLU B 211 14.70 2.29 16.90
CA GLU B 211 13.28 2.38 16.53
C GLU B 211 12.96 1.22 15.57
N LEU B 212 12.02 0.36 15.96
CA LEU B 212 11.66 -0.78 15.12
C LEU B 212 10.81 -0.39 13.93
N PRO B 213 10.96 -1.08 12.80
CA PRO B 213 10.15 -0.72 11.65
C PRO B 213 8.70 -1.20 11.81
N ARG B 214 7.79 -0.57 11.07
CA ARG B 214 6.37 -0.96 11.08
C ARG B 214 5.88 -0.73 9.65
N SER B 215 5.50 -1.83 9.00
CA SER B 215 5.03 -1.79 7.62
C SER B 215 3.97 -0.71 7.44
N GLY B 216 4.17 0.16 6.46
CA GLY B 216 3.20 1.22 6.21
C GLY B 216 3.46 2.54 6.92
N TYR B 217 4.47 2.59 7.80
CA TYR B 217 4.76 3.84 8.49
C TYR B 217 6.16 4.31 8.17
N PRO B 218 6.29 5.25 7.22
CA PRO B 218 7.51 5.87 6.71
C PRO B 218 8.28 6.62 7.80
N ASP B 219 9.59 6.76 7.57
CA ASP B 219 10.46 7.47 8.49
C ASP B 219 10.24 8.96 8.46
N SER B 220 10.47 9.58 9.61
CA SER B 220 10.36 11.00 9.77
C SER B 220 11.45 11.34 10.79
N ASN B 221 12.10 12.49 10.64
CA ASN B 221 13.15 12.85 11.57
C ASN B 221 12.65 12.90 13.01
N GLU B 222 13.44 12.32 13.90
CA GLU B 222 13.09 12.28 15.32
C GLU B 222 14.31 12.66 16.17
N ASP B 223 14.12 13.61 17.10
CA ASP B 223 15.21 14.06 18.00
C ASP B 223 14.92 13.66 19.45
N PHE B 224 15.98 13.26 20.15
CA PHE B 224 15.90 12.88 21.57
C PHE B 224 17.04 13.67 22.24
N TYR B 225 16.78 14.24 23.41
CA TYR B 225 17.75 15.08 24.14
C TYR B 225 18.21 14.37 25.39
N TRP B 226 19.52 14.38 25.61
CA TRP B 226 20.13 13.68 26.71
C TRP B 226 21.15 14.47 27.52
N SER B 227 21.22 14.17 28.83
CA SER B 227 22.25 14.76 29.68
C SER B 227 22.34 13.95 30.96
N GLY B 228 23.38 14.24 31.75
CA GLY B 228 23.57 13.56 33.02
C GLY B 228 23.72 12.05 32.94
N VAL B 229 24.38 11.55 31.91
CA VAL B 229 24.59 10.11 31.78
C VAL B 229 25.87 9.67 32.49
N TYR B 230 25.75 8.82 33.51
CA TYR B 230 26.94 8.32 34.22
C TYR B 230 26.55 7.10 35.05
N ILE B 231 27.56 6.35 35.51
CA ILE B 231 27.33 5.15 36.28
C ILE B 231 28.11 5.29 37.59
N GLU B 232 27.47 4.96 38.71
CA GLU B 232 28.14 5.09 39.99
C GLU B 232 27.92 3.88 40.87
N SER B 233 28.77 3.73 41.88
CA SER B 233 28.67 2.63 42.83
C SER B 233 28.60 3.26 44.21
N GLY B 234 28.38 2.43 45.22
CA GLY B 234 28.29 2.91 46.57
C GLY B 234 26.87 3.39 46.81
N SER B 235 26.74 4.66 47.14
CA SER B 235 25.44 5.21 47.42
C SER B 235 24.87 5.89 46.18
N LEU B 236 23.55 5.93 46.10
CA LEU B 236 22.91 6.58 44.96
C LEU B 236 22.86 8.09 45.16
N THR B 237 23.22 8.83 44.12
CA THR B 237 23.15 10.29 44.17
C THR B 237 21.75 10.59 43.64
N THR B 238 20.92 11.19 44.48
CA THR B 238 19.54 11.48 44.05
C THR B 238 19.44 12.85 43.39
N SER B 239 20.45 13.68 43.62
CA SER B 239 20.45 15.02 43.04
C SER B 239 20.63 14.96 41.53
N VAL B 240 19.83 15.75 40.83
CA VAL B 240 19.88 15.80 39.38
C VAL B 240 21.15 16.50 38.90
N ALA B 241 21.82 17.20 39.81
CA ALA B 241 23.08 17.90 39.45
C ALA B 241 24.31 16.97 39.54
N GLY B 242 24.09 15.73 39.98
CA GLY B 242 25.18 14.77 40.06
C GLY B 242 25.96 14.80 41.35
N PRO B 243 27.02 13.98 41.47
CA PRO B 243 27.86 13.91 42.67
C PRO B 243 28.71 15.18 42.75
N GLY B 244 29.18 15.52 43.94
CA GLY B 244 30.00 16.71 44.06
C GLY B 244 29.21 17.97 43.78
N GLN B 245 27.92 17.78 43.50
CA GLN B 245 26.98 18.86 43.23
C GLN B 245 27.39 19.74 42.07
N GLY C 1 1.14 7.51 -4.68
CA GLY C 1 0.69 8.78 -4.03
C GLY C 1 -0.75 9.12 -4.35
N THR C 2 -1.46 9.71 -3.39
CA THR C 2 -2.86 10.07 -3.58
C THR C 2 -3.03 11.39 -4.36
N ILE C 3 -3.90 11.35 -5.37
CA ILE C 3 -4.18 12.49 -6.24
C ILE C 3 -4.87 13.64 -5.51
N LEU C 4 -4.25 14.82 -5.52
CA LEU C 4 -4.85 16.00 -4.90
C LEU C 4 -5.69 16.74 -5.92
N TRP C 5 -5.21 16.75 -7.17
CA TRP C 5 -5.89 17.42 -8.25
C TRP C 5 -5.56 16.71 -9.56
N ASP C 6 -6.58 16.54 -10.38
CA ASP C 6 -6.42 15.83 -11.64
C ASP C 6 -6.63 16.74 -12.86
N GLY C 7 -5.54 16.98 -13.60
CA GLY C 7 -5.65 17.81 -14.79
C GLY C 7 -5.55 17.01 -16.08
N ARG C 8 -5.96 15.74 -16.05
CA ARG C 8 -5.88 14.90 -17.23
C ARG C 8 -7.02 14.98 -18.25
N PHE C 9 -8.02 15.82 -17.98
CA PHE C 9 -9.15 16.01 -18.91
C PHE C 9 -10.09 14.83 -19.04
N ASN C 10 -9.93 13.84 -18.18
CA ASN C 10 -10.76 12.65 -18.24
C ASN C 10 -12.26 12.89 -18.15
N ASP C 11 -12.67 13.97 -17.52
CA ASP C 11 -14.10 14.24 -17.37
C ASP C 11 -14.69 15.23 -18.37
N MET C 12 -13.96 15.51 -19.45
CA MET C 12 -14.50 16.39 -20.47
C MET C 12 -14.25 15.79 -21.84
N THR C 13 -15.26 15.87 -22.70
CA THR C 13 -15.17 15.33 -24.06
C THR C 13 -14.33 16.21 -24.99
N SER C 14 -14.42 17.53 -24.81
CA SER C 14 -13.65 18.44 -25.65
C SER C 14 -13.21 19.66 -24.87
N SER C 15 -12.31 20.43 -25.47
CA SER C 15 -11.78 21.61 -24.81
C SER C 15 -12.88 22.66 -24.57
N ALA C 16 -14.06 22.41 -25.14
CA ALA C 16 -15.20 23.31 -25.01
C ALA C 16 -15.58 23.51 -23.56
N ASP C 17 -15.43 22.45 -22.76
CA ASP C 17 -15.77 22.51 -21.36
C ASP C 17 -14.97 23.56 -20.59
N LEU C 18 -13.81 23.97 -21.13
CA LEU C 18 -12.99 24.97 -20.46
C LEU C 18 -13.77 26.28 -20.38
N ASN C 19 -14.71 26.44 -21.31
CA ASN C 19 -15.54 27.65 -21.35
C ASN C 19 -16.55 27.76 -20.22
N LYS C 20 -16.59 26.78 -19.33
CA LYS C 20 -17.55 26.82 -18.25
C LYS C 20 -17.05 27.52 -17.00
N TRP C 21 -15.73 27.64 -16.89
CA TRP C 21 -15.11 28.28 -15.73
C TRP C 21 -15.21 29.80 -15.80
N SER C 22 -15.27 30.44 -14.63
CA SER C 22 -15.30 31.88 -14.56
C SER C 22 -14.98 32.22 -13.12
N TRP C 23 -14.55 33.43 -12.86
CA TRP C 23 -14.24 33.81 -11.49
C TRP C 23 -15.46 33.63 -10.59
N GLY C 24 -16.66 33.64 -11.18
CA GLY C 24 -17.87 33.49 -10.38
C GLY C 24 -18.50 32.10 -10.42
N ASN C 25 -17.91 31.22 -11.21
CA ASN C 25 -18.39 29.86 -11.39
C ASN C 25 -17.14 29.00 -11.61
N GLN C 26 -16.35 28.89 -10.54
CA GLN C 26 -15.11 28.14 -10.57
C GLN C 26 -15.28 26.64 -10.59
N VAL C 27 -15.89 26.13 -11.64
CA VAL C 27 -16.11 24.69 -11.75
C VAL C 27 -15.02 24.04 -12.61
N GLY C 28 -15.09 22.72 -12.74
CA GLY C 28 -14.14 22.02 -13.56
C GLY C 28 -12.75 21.93 -12.94
N PRO C 29 -11.80 21.36 -13.69
CA PRO C 29 -10.44 21.22 -13.18
C PRO C 29 -9.48 22.36 -13.51
N TYR C 30 -9.87 23.21 -14.46
CA TYR C 30 -8.98 24.28 -14.88
C TYR C 30 -9.55 25.69 -14.92
N GLN C 31 -8.75 26.66 -14.48
CA GLN C 31 -9.14 28.06 -14.59
C GLN C 31 -8.68 28.34 -16.03
N TYR C 32 -9.56 28.90 -16.85
CA TYR C 32 -9.18 29.15 -18.24
C TYR C 32 -9.42 30.59 -18.58
N TYR C 33 -8.38 31.40 -18.42
CA TYR C 33 -8.49 32.82 -18.72
C TYR C 33 -7.26 33.41 -19.40
N ILE C 34 -6.08 32.80 -19.21
CA ILE C 34 -4.87 33.33 -19.85
C ILE C 34 -4.78 32.79 -21.28
N HIS C 35 -5.47 33.49 -22.18
CA HIS C 35 -5.49 33.11 -23.58
C HIS C 35 -5.90 34.33 -24.41
N GLY C 36 -5.84 34.18 -25.73
CA GLY C 36 -6.16 35.28 -26.61
C GLY C 36 -7.65 35.47 -26.88
N SER C 37 -7.94 36.38 -27.82
CA SER C 37 -9.31 36.74 -28.17
C SER C 37 -10.09 35.73 -28.99
N SER C 38 -9.42 34.70 -29.50
CA SER C 38 -10.13 33.69 -30.31
C SER C 38 -10.83 32.64 -29.46
N PRO C 39 -11.71 31.83 -30.09
CA PRO C 39 -12.45 30.77 -29.41
C PRO C 39 -11.44 29.71 -28.92
N VAL C 40 -11.84 28.94 -27.92
CA VAL C 40 -10.97 27.95 -27.34
C VAL C 40 -10.29 26.98 -28.31
N SER C 41 -10.98 26.60 -29.39
CA SER C 41 -10.39 25.64 -30.34
C SER C 41 -9.20 26.19 -31.11
N ALA C 42 -8.93 27.47 -30.95
CA ALA C 42 -7.79 28.10 -31.61
C ALA C 42 -6.54 27.85 -30.77
N TYR C 43 -6.74 27.61 -29.47
CA TYR C 43 -5.64 27.44 -28.52
C TYR C 43 -5.56 26.07 -27.83
N VAL C 44 -6.70 25.43 -27.60
CA VAL C 44 -6.69 24.12 -26.92
C VAL C 44 -7.63 23.13 -27.58
N ASN C 45 -7.14 21.93 -27.86
CA ASN C 45 -7.93 20.89 -28.48
C ASN C 45 -7.55 19.56 -27.86
N LEU C 46 -8.53 18.71 -27.61
CA LEU C 46 -8.27 17.41 -27.00
C LEU C 46 -8.41 16.25 -27.99
N SER C 47 -7.58 15.23 -27.81
CA SER C 47 -7.65 14.04 -28.65
C SER C 47 -6.78 12.92 -28.13
N PRO C 48 -7.17 11.66 -28.40
CA PRO C 48 -6.35 10.55 -27.93
C PRO C 48 -5.00 10.61 -28.65
N ASP C 49 -4.99 11.19 -29.84
CA ASP C 49 -3.75 11.28 -30.62
C ASP C 49 -2.80 12.32 -30.06
N TYR C 50 -3.21 13.03 -29.02
CA TYR C 50 -2.38 14.10 -28.45
C TYR C 50 -1.68 13.79 -27.14
N LYS C 51 -1.79 12.54 -26.67
CA LYS C 51 -1.17 12.14 -25.41
C LYS C 51 0.00 11.20 -25.61
N ASN C 52 0.66 10.86 -24.51
CA ASN C 52 1.76 9.92 -24.58
C ASN C 52 1.04 8.59 -24.70
N PRO C 53 1.31 7.84 -25.78
CA PRO C 53 0.67 6.55 -26.03
C PRO C 53 0.69 5.57 -24.87
N ALA C 54 1.76 5.65 -24.05
CA ALA C 54 1.93 4.75 -22.92
C ALA C 54 1.07 5.12 -21.72
N ASP C 55 0.66 6.38 -21.65
CA ASP C 55 -0.17 6.85 -20.54
C ASP C 55 -1.63 6.40 -20.68
N THR C 56 -1.96 5.22 -20.15
CA THR C 56 -3.35 4.73 -20.21
C THR C 56 -4.22 5.41 -19.14
N GLY C 57 -3.62 6.27 -18.32
CA GLY C 57 -4.38 6.97 -17.31
C GLY C 57 -5.08 8.21 -17.86
N SER C 58 -4.63 8.66 -19.03
CA SER C 58 -5.20 9.85 -19.68
C SER C 58 -5.91 9.40 -20.92
N ARG C 59 -7.21 9.73 -21.00
CA ARG C 59 -8.04 9.34 -22.13
C ARG C 59 -7.62 10.14 -23.37
N GLN C 60 -7.35 11.43 -23.16
CA GLN C 60 -6.96 12.29 -24.28
C GLN C 60 -5.83 13.20 -23.88
N GLY C 61 -5.08 13.65 -24.88
CA GLY C 61 -3.99 14.58 -24.63
C GLY C 61 -4.48 15.94 -25.08
N ALA C 62 -3.71 16.99 -24.79
CA ALA C 62 -4.14 18.32 -25.20
C ALA C 62 -3.12 18.96 -26.09
N LYS C 63 -3.57 19.53 -27.20
CA LYS C 63 -2.69 20.26 -28.08
C LYS C 63 -2.87 21.72 -27.66
N ILE C 64 -1.79 22.38 -27.25
CA ILE C 64 -1.85 23.77 -26.84
C ILE C 64 -1.16 24.56 -27.95
N THR C 65 -1.85 25.54 -28.50
CA THR C 65 -1.36 26.29 -29.63
C THR C 65 -1.14 27.78 -29.40
N LEU C 66 -0.06 28.31 -29.98
CA LEU C 66 0.23 29.76 -29.96
C LEU C 66 0.08 30.18 -31.43
N ASP C 67 -0.89 31.04 -31.75
CA ASP C 67 -1.03 31.52 -33.12
C ASP C 67 -0.91 33.04 -33.05
N ASN C 68 -1.31 33.73 -34.12
CA ASN C 68 -1.20 35.19 -34.17
C ASN C 68 -1.98 35.98 -33.15
N THR C 69 -3.04 35.37 -32.62
CA THR C 69 -3.90 36.01 -31.64
C THR C 69 -3.63 35.60 -30.18
N ALA C 70 -2.68 34.70 -29.97
CA ALA C 70 -2.39 34.21 -28.61
C ALA C 70 -1.69 35.20 -27.72
N TYR C 71 -2.39 36.30 -27.39
CA TYR C 71 -1.84 37.35 -26.53
C TYR C 71 -2.87 37.70 -25.49
N TRP C 72 -2.43 37.86 -24.25
CA TRP C 72 -3.35 38.16 -23.17
C TRP C 72 -3.13 39.51 -22.54
N ASN C 73 -4.25 40.18 -22.27
CA ASN C 73 -4.23 41.44 -21.56
C ASN C 73 -3.18 42.41 -22.07
N GLY C 74 -3.15 42.62 -23.39
CA GLY C 74 -2.19 43.54 -24.00
C GLY C 74 -0.70 43.30 -23.82
N GLN C 75 -0.28 42.10 -23.42
CA GLN C 75 1.16 41.83 -23.24
C GLN C 75 1.92 41.60 -24.55
N ASN C 76 3.24 41.62 -24.49
CA ASN C 76 4.04 41.41 -25.70
C ASN C 76 4.46 39.96 -25.90
N MET C 77 4.19 39.12 -24.91
CA MET C 77 4.53 37.70 -24.96
C MET C 77 3.33 36.87 -25.39
N ARG C 78 3.54 35.80 -26.16
CA ARG C 78 2.44 34.95 -26.54
C ARG C 78 2.18 33.97 -25.38
N ARG C 79 0.92 33.66 -25.14
CA ARG C 79 0.58 32.78 -24.02
C ARG C 79 -0.68 31.98 -24.19
N THR C 80 -0.63 30.70 -23.81
CA THR C 80 -1.82 29.87 -23.78
C THR C 80 -1.57 29.05 -22.53
N GLU C 81 -2.29 29.37 -21.45
CA GLU C 81 -2.06 28.69 -20.18
C GLU C 81 -3.34 28.31 -19.42
N LEU C 82 -3.25 27.20 -18.71
CA LEU C 82 -4.34 26.67 -17.88
C LEU C 82 -3.79 26.66 -16.47
N ILE C 83 -4.66 26.88 -15.49
CA ILE C 83 -4.25 26.89 -14.08
C ILE C 83 -5.18 25.93 -13.36
N PRO C 84 -4.65 25.13 -12.42
CA PRO C 84 -5.50 24.19 -11.70
C PRO C 84 -6.60 24.89 -10.90
N GLN C 85 -7.80 24.34 -10.95
CA GLN C 85 -8.91 24.91 -10.17
C GLN C 85 -9.07 23.86 -9.08
N THR C 86 -8.73 24.20 -7.84
CA THR C 86 -8.80 23.22 -6.75
C THR C 86 -8.81 23.91 -5.38
N THR C 87 -9.31 23.19 -4.36
CA THR C 87 -9.33 23.69 -2.98
C THR C 87 -8.28 22.90 -2.18
N ALA C 88 -7.76 21.85 -2.82
CA ALA C 88 -6.75 20.98 -2.22
C ALA C 88 -5.44 21.71 -1.89
N ALA C 89 -4.75 21.25 -0.85
CA ALA C 89 -3.50 21.87 -0.42
C ALA C 89 -2.33 21.48 -1.34
N ILE C 90 -2.38 21.93 -2.59
CA ILE C 90 -1.32 21.60 -3.53
C ILE C 90 -0.05 22.40 -3.34
N ASN C 91 -0.06 23.34 -2.40
CA ASN C 91 1.11 24.17 -2.13
C ASN C 91 1.60 24.03 -0.68
N GLN C 92 1.33 22.89 -0.07
CA GLN C 92 1.73 22.66 1.32
C GLN C 92 2.52 21.38 1.40
N GLY C 93 3.63 21.44 2.13
CA GLY C 93 4.46 20.26 2.33
C GLY C 93 5.08 19.68 1.06
N LYS C 94 5.11 18.35 0.99
CA LYS C 94 5.70 17.63 -0.15
C LYS C 94 4.66 17.25 -1.16
N VAL C 95 4.83 17.82 -2.35
CA VAL C 95 3.87 17.61 -3.42
C VAL C 95 4.60 17.33 -4.73
N TYR C 96 3.98 16.50 -5.56
CA TYR C 96 4.56 16.13 -6.85
C TYR C 96 3.70 16.64 -7.98
N TYR C 97 4.29 17.50 -8.83
CA TYR C 97 3.57 18.06 -9.97
C TYR C 97 3.95 17.28 -11.23
N HIS C 98 3.00 16.61 -11.83
CA HIS C 98 3.23 15.79 -13.02
C HIS C 98 2.74 16.39 -14.33
N PHE C 99 3.43 16.06 -15.41
CA PHE C 99 3.00 16.43 -16.76
C PHE C 99 3.90 15.75 -17.77
N SER C 100 3.37 15.52 -18.97
CA SER C 100 4.14 14.90 -20.07
C SER C 100 4.04 15.89 -21.23
N LEU C 101 5.16 16.11 -21.93
CA LEU C 101 5.24 17.08 -22.99
C LEU C 101 5.89 16.52 -24.24
N MET C 102 5.40 16.96 -25.40
CA MET C 102 5.98 16.51 -26.65
C MET C 102 5.79 17.61 -27.71
N ARG C 103 6.73 17.71 -28.65
CA ARG C 103 6.61 18.65 -29.78
C ARG C 103 6.75 17.81 -31.08
N LYS C 104 6.24 18.34 -32.17
CA LYS C 104 6.34 17.71 -33.47
C LYS C 104 7.18 18.64 -34.34
N ASP C 105 7.47 18.24 -35.58
CA ASP C 105 8.23 19.14 -36.46
C ASP C 105 7.27 20.12 -37.16
N ILE C 106 6.00 19.74 -37.23
CA ILE C 106 4.97 20.60 -37.82
C ILE C 106 4.62 21.60 -36.72
N ASN C 107 4.63 22.88 -37.06
CA ASN C 107 4.34 23.94 -36.10
C ASN C 107 5.23 23.74 -34.87
N ALA C 108 6.49 23.42 -35.13
CA ALA C 108 7.43 23.18 -34.05
C ALA C 108 7.71 24.46 -33.29
N PRO C 109 7.97 24.33 -31.99
CA PRO C 109 8.26 25.51 -31.18
C PRO C 109 9.46 26.25 -31.78
N ALA C 110 9.41 27.57 -31.80
CA ALA C 110 10.53 28.32 -32.35
C ALA C 110 11.78 28.10 -31.49
N THR C 111 12.91 27.77 -32.10
CA THR C 111 14.17 27.56 -31.36
C THR C 111 14.89 28.90 -31.19
N THR C 112 14.31 29.93 -31.80
CA THR C 112 14.85 31.29 -31.80
C THR C 112 14.26 32.16 -30.71
N ARG C 113 13.27 31.66 -29.99
CA ARG C 113 12.66 32.48 -28.94
C ARG C 113 12.54 31.73 -27.64
N GLU C 114 12.62 32.44 -26.52
CA GLU C 114 12.52 31.77 -25.23
C GLU C 114 11.08 31.40 -24.89
N HIS C 115 10.90 30.15 -24.45
CA HIS C 115 9.59 29.72 -24.02
C HIS C 115 9.75 29.32 -22.56
N GLN C 116 8.72 29.61 -21.78
CA GLN C 116 8.67 29.23 -20.36
C GLN C 116 7.44 28.30 -20.33
N ILE C 117 7.66 27.08 -19.86
CA ILE C 117 6.67 26.02 -19.88
C ILE C 117 6.37 25.44 -18.51
N ALA C 118 5.10 25.14 -18.22
CA ALA C 118 4.68 24.55 -16.93
C ALA C 118 5.37 25.28 -15.77
N PHE C 119 5.27 26.60 -15.80
CA PHE C 119 5.94 27.44 -14.83
C PHE C 119 5.05 27.99 -13.73
N PHE C 120 5.64 28.23 -12.56
CA PHE C 120 4.87 28.85 -11.50
C PHE C 120 4.94 30.35 -11.73
N GLU C 121 3.94 31.07 -11.27
CA GLU C 121 3.90 32.50 -11.47
C GLU C 121 5.15 33.24 -10.99
N SER C 122 5.84 32.70 -9.98
CA SER C 122 7.07 33.30 -9.49
C SER C 122 8.28 32.72 -10.25
N HIS C 123 8.00 31.80 -11.17
CA HIS C 123 9.04 31.14 -11.96
C HIS C 123 10.11 30.47 -11.09
N PHE C 124 9.75 30.02 -9.88
CA PHE C 124 10.78 29.38 -9.05
C PHE C 124 11.24 28.09 -9.71
N THR C 125 10.41 27.53 -10.57
CA THR C 125 10.81 26.37 -11.37
C THR C 125 9.94 26.32 -12.60
N GLU C 126 10.46 25.72 -13.68
CA GLU C 126 9.74 25.65 -14.96
C GLU C 126 10.65 24.93 -15.94
N LEU C 127 10.18 24.74 -17.17
CA LEU C 127 11.01 24.16 -18.21
C LEU C 127 11.12 25.34 -19.17
N LYS C 128 12.23 25.41 -19.90
CA LYS C 128 12.40 26.47 -20.89
C LYS C 128 12.86 25.83 -22.19
N SER C 129 12.60 26.48 -23.31
CA SER C 129 13.10 25.97 -24.58
C SER C 129 13.41 27.20 -25.41
N GLY C 130 14.15 27.00 -26.50
CA GLY C 130 14.50 28.11 -27.38
C GLY C 130 15.68 28.90 -26.89
N TRP C 131 16.04 29.91 -27.68
CA TRP C 131 17.16 30.81 -27.37
C TRP C 131 16.81 31.67 -26.14
N LEU C 132 17.69 31.69 -25.15
CA LEU C 132 17.44 32.46 -23.95
C LEU C 132 17.94 33.88 -24.05
N SER C 133 17.14 34.78 -23.52
CA SER C 133 17.43 36.21 -23.51
C SER C 133 18.86 36.46 -23.04
N GLY C 134 19.57 37.30 -23.79
CA GLY C 134 20.92 37.65 -23.43
C GLY C 134 21.95 36.60 -23.74
N ALA C 135 21.51 35.48 -24.30
CA ALA C 135 22.43 34.41 -24.63
C ALA C 135 23.08 34.64 -25.99
N PRO C 136 24.18 33.94 -26.24
CA PRO C 136 24.86 34.09 -27.52
C PRO C 136 24.10 33.31 -28.60
N GLY C 137 24.39 33.59 -29.86
CA GLY C 137 23.74 32.84 -30.92
C GLY C 137 22.36 33.26 -31.35
N ILE C 138 21.77 32.44 -32.21
CA ILE C 138 20.44 32.70 -32.78
C ILE C 138 19.44 31.61 -32.37
N SER C 139 19.86 30.36 -32.42
CA SER C 139 18.97 29.25 -32.12
C SER C 139 19.46 28.35 -30.99
N ASP C 140 18.53 27.85 -30.18
CA ASP C 140 18.89 26.93 -29.10
C ASP C 140 17.93 25.75 -29.15
N THR C 141 18.45 24.55 -29.33
CA THR C 141 17.61 23.35 -29.48
C THR C 141 17.35 22.54 -28.22
N LEU C 142 17.79 23.05 -27.07
CA LEU C 142 17.60 22.33 -25.82
C LEU C 142 16.28 22.60 -25.10
N LEU C 143 15.84 21.58 -24.35
CA LEU C 143 14.67 21.69 -23.50
C LEU C 143 15.43 21.73 -22.16
N ARG C 144 15.08 22.67 -21.30
CA ARG C 144 15.80 22.83 -20.03
C ARG C 144 14.87 22.82 -18.82
N TRP C 145 15.39 22.37 -17.67
CA TRP C 145 14.60 22.42 -16.44
C TRP C 145 15.35 23.44 -15.60
N CYS C 146 14.63 24.44 -15.13
CA CYS C 146 15.25 25.52 -14.37
C CYS C 146 14.70 25.66 -12.96
N VAL C 147 15.55 26.20 -12.09
CA VAL C 147 15.17 26.50 -10.70
C VAL C 147 15.68 27.91 -10.46
N GLY C 148 14.77 28.82 -10.15
CA GLY C 148 15.17 30.18 -9.91
C GLY C 148 15.86 30.76 -11.13
N GLY C 149 15.48 30.29 -12.32
CA GLY C 149 16.09 30.80 -13.53
C GLY C 149 17.33 30.08 -14.03
N GLN C 150 18.00 29.33 -13.16
CA GLN C 150 19.22 28.59 -13.52
C GLN C 150 18.93 27.19 -14.05
N THR C 151 19.53 26.89 -15.19
CA THR C 151 19.36 25.59 -15.79
C THR C 151 20.08 24.52 -14.95
N GLN C 152 19.31 23.53 -14.49
CA GLN C 152 19.83 22.45 -13.68
C GLN C 152 19.91 21.15 -14.50
N TRP C 153 19.19 21.10 -15.63
CA TRP C 153 19.18 19.92 -16.48
C TRP C 153 18.75 20.31 -17.87
N SER C 154 19.29 19.66 -18.89
CA SER C 154 18.86 19.99 -20.24
C SER C 154 19.04 18.80 -21.18
N VAL C 155 18.46 18.91 -22.36
CA VAL C 155 18.57 17.83 -23.33
C VAL C 155 18.08 18.32 -24.69
N GLU C 156 18.65 17.78 -25.76
CA GLU C 156 18.20 18.17 -27.08
C GLU C 156 16.73 17.79 -27.20
N TRP C 157 15.90 18.73 -27.60
CA TRP C 157 14.48 18.47 -27.70
C TRP C 157 14.09 17.96 -29.09
N ALA C 158 14.02 16.64 -29.21
CA ALA C 158 13.70 15.95 -30.46
C ALA C 158 12.20 15.88 -30.72
N ALA C 159 11.80 15.89 -31.99
CA ALA C 159 10.38 15.81 -32.34
C ALA C 159 9.83 14.43 -31.99
N ASP C 160 8.54 14.36 -31.65
CA ASP C 160 7.85 13.11 -31.35
C ASP C 160 8.22 12.34 -30.08
N VAL C 161 9.22 12.80 -29.34
CA VAL C 161 9.61 12.10 -28.13
C VAL C 161 8.81 12.66 -26.97
N TRP C 162 8.24 11.78 -26.15
CA TRP C 162 7.49 12.25 -25.00
C TRP C 162 8.38 12.41 -23.77
N HIS C 163 8.31 13.59 -23.15
CA HIS C 163 9.08 13.88 -21.96
C HIS C 163 8.09 13.92 -20.80
N ASN C 164 8.32 13.02 -19.84
CA ASN C 164 7.48 12.88 -18.67
C ASN C 164 8.27 13.48 -17.53
N VAL C 165 7.60 14.33 -16.77
CA VAL C 165 8.26 15.06 -15.70
C VAL C 165 7.46 15.10 -14.41
N ALA C 166 8.16 15.21 -13.30
CA ALA C 166 7.48 15.42 -12.04
C ALA C 166 8.40 16.34 -11.26
N TYR C 167 7.83 17.43 -10.74
CA TYR C 167 8.60 18.36 -9.93
C TYR C 167 8.36 17.83 -8.53
N GLU C 168 9.43 17.61 -7.78
CA GLU C 168 9.30 17.13 -6.40
C GLU C 168 9.45 18.40 -5.58
N ILE C 169 8.31 18.93 -5.14
CA ILE C 169 8.36 20.17 -4.39
C ILE C 169 8.05 20.01 -2.91
N ASP C 170 8.95 20.50 -2.08
CA ASP C 170 8.74 20.47 -0.64
C ASP C 170 8.56 21.93 -0.29
N PHE C 171 7.31 22.33 -0.15
CA PHE C 171 7.01 23.73 0.15
C PHE C 171 7.43 24.14 1.53
N ALA C 172 7.54 23.16 2.43
CA ALA C 172 7.97 23.45 3.79
C ALA C 172 9.48 23.77 3.77
N ALA C 173 10.25 22.93 3.07
CA ALA C 173 11.70 23.09 2.98
C ALA C 173 12.23 24.10 1.93
N GLY C 174 11.41 24.45 0.94
CA GLY C 174 11.89 25.40 -0.07
C GLY C 174 12.88 24.78 -1.04
N THR C 175 12.56 23.56 -1.48
CA THR C 175 13.41 22.83 -2.42
C THR C 175 12.59 22.23 -3.55
N VAL C 176 13.24 21.97 -4.68
CA VAL C 176 12.58 21.37 -5.82
C VAL C 176 13.50 20.33 -6.46
N GLY C 177 12.99 19.12 -6.62
CA GLY C 177 13.74 18.03 -7.24
C GLY C 177 13.13 17.74 -8.63
N PHE C 178 13.94 17.16 -9.51
CA PHE C 178 13.48 16.89 -10.86
C PHE C 178 13.47 15.42 -11.23
N TRP C 179 12.28 14.91 -11.57
CA TRP C 179 12.08 13.51 -11.97
C TRP C 179 11.73 13.54 -13.44
N HIS C 180 12.23 12.57 -14.19
CA HIS C 180 12.01 12.61 -15.63
C HIS C 180 12.20 11.26 -16.33
N SER C 181 11.63 11.14 -17.51
CA SER C 181 11.82 9.95 -18.33
C SER C 181 11.31 10.29 -19.71
N THR C 182 11.68 9.47 -20.69
CA THR C 182 11.14 9.66 -22.04
C THR C 182 10.39 8.39 -22.38
N GLY C 183 9.37 8.56 -23.22
CA GLY C 183 8.57 7.44 -23.65
C GLY C 183 7.75 6.78 -22.56
N SER C 184 7.95 5.48 -22.42
CA SER C 184 7.20 4.71 -21.46
C SER C 184 8.00 4.32 -20.23
N ASP C 185 9.26 4.74 -20.17
CA ASP C 185 10.08 4.39 -19.01
C ASP C 185 9.60 5.14 -17.77
N PRO C 186 9.80 4.52 -16.60
CA PRO C 186 9.37 5.16 -15.35
C PRO C 186 10.22 6.37 -15.01
N LEU C 187 9.65 7.34 -14.31
CA LEU C 187 10.38 8.52 -13.91
C LEU C 187 11.51 8.17 -12.96
N THR C 188 12.66 8.81 -13.12
CA THR C 188 13.78 8.62 -12.21
C THR C 188 14.27 10.01 -11.82
N ARG C 189 14.81 10.14 -10.61
CA ARG C 189 15.26 11.45 -10.16
C ARG C 189 16.57 11.81 -10.82
N LYS C 190 16.56 12.84 -11.65
CA LYS C 190 17.75 13.25 -12.35
C LYS C 190 18.52 14.40 -11.71
N VAL C 191 17.87 15.14 -10.81
CA VAL C 191 18.50 16.23 -10.07
C VAL C 191 17.93 16.22 -8.66
N ALA C 192 18.80 16.11 -7.66
CA ALA C 192 18.36 16.11 -6.26
C ALA C 192 17.81 17.49 -5.90
N PRO C 193 16.90 17.56 -4.92
CA PRO C 193 16.28 18.83 -4.49
C PRO C 193 17.21 20.04 -4.44
N VAL C 194 16.78 21.10 -5.12
CA VAL C 194 17.52 22.36 -5.23
C VAL C 194 16.75 23.38 -4.42
N LYS C 195 17.44 24.13 -3.56
CA LYS C 195 16.71 25.11 -2.76
C LYS C 195 16.44 26.40 -3.52
N THR C 196 15.26 26.97 -3.29
CA THR C 196 14.89 28.23 -3.94
C THR C 196 13.63 28.77 -3.25
N SER C 197 13.23 30.00 -3.56
CA SER C 197 12.03 30.55 -2.94
C SER C 197 10.83 29.88 -3.59
N THR C 198 10.15 29.01 -2.84
CA THR C 198 9.01 28.29 -3.39
C THR C 198 7.63 28.95 -3.14
N SER C 199 7.56 30.24 -3.42
CA SER C 199 6.36 31.03 -3.25
C SER C 199 5.19 30.58 -4.13
N SER C 200 4.12 30.07 -3.53
CA SER C 200 2.92 29.67 -4.27
C SER C 200 1.64 29.83 -3.47
N ASN C 201 0.63 30.45 -4.09
CA ASN C 201 -0.67 30.67 -3.42
C ASN C 201 -1.65 29.55 -3.81
N GLY C 202 -1.14 28.55 -4.54
CA GLY C 202 -1.95 27.43 -4.94
C GLY C 202 -2.80 27.64 -6.18
N ALA C 203 -2.77 28.84 -6.73
CA ALA C 203 -3.56 29.13 -7.92
C ALA C 203 -2.62 29.82 -8.88
N ASP C 204 -1.41 29.29 -9.00
CA ASP C 204 -0.42 29.94 -9.83
C ASP C 204 0.52 29.03 -10.60
N TRP C 205 0.10 27.80 -10.87
CA TRP C 205 0.94 26.92 -11.68
C TRP C 205 0.37 27.02 -13.09
N HIS C 206 1.19 27.47 -14.03
CA HIS C 206 0.76 27.66 -15.41
C HIS C 206 1.09 26.49 -16.33
N VAL C 207 0.07 25.66 -16.58
CA VAL C 207 0.17 24.49 -17.46
C VAL C 207 -0.09 25.06 -18.85
N GLY C 208 0.98 25.24 -19.58
CA GLY C 208 0.84 25.84 -20.88
C GLY C 208 2.17 26.45 -21.23
N VAL C 209 2.14 27.43 -22.13
CA VAL C 209 3.38 28.00 -22.61
C VAL C 209 3.34 29.51 -22.78
N LEU C 210 4.45 30.13 -22.45
CA LEU C 210 4.61 31.56 -22.62
C LEU C 210 5.81 31.71 -23.54
N GLU C 211 5.69 32.55 -24.57
CA GLU C 211 6.81 32.74 -25.49
C GLU C 211 7.22 34.22 -25.56
N LEU C 212 8.50 34.50 -25.34
CA LEU C 212 8.95 35.89 -25.35
C LEU C 212 9.14 36.40 -26.78
N PRO C 213 8.93 37.69 -27.00
CA PRO C 213 9.11 38.23 -28.36
C PRO C 213 10.61 38.38 -28.62
N ARG C 214 10.99 38.46 -29.89
CA ARG C 214 12.39 38.71 -30.22
C ARG C 214 12.35 39.51 -31.53
N SER C 215 12.86 40.74 -31.47
CA SER C 215 12.86 41.63 -32.63
C SER C 215 13.47 40.99 -33.85
N GLY C 216 12.68 40.90 -34.91
CA GLY C 216 13.15 40.31 -36.14
C GLY C 216 12.64 38.90 -36.39
N TYR C 217 11.96 38.33 -35.40
CA TYR C 217 11.44 36.97 -35.55
C TYR C 217 9.93 37.00 -35.41
N PRO C 218 9.20 37.03 -36.53
CA PRO C 218 7.74 37.08 -36.49
C PRO C 218 7.09 35.82 -35.97
N ASP C 219 5.83 35.93 -35.56
CA ASP C 219 5.07 34.79 -35.04
C ASP C 219 4.67 33.77 -36.10
N SER C 220 4.83 32.49 -35.79
CA SER C 220 4.36 31.41 -36.66
C SER C 220 3.61 30.50 -35.71
N ASN C 221 2.72 29.66 -36.22
CA ASN C 221 1.99 28.79 -35.34
C ASN C 221 2.91 27.76 -34.67
N GLU C 222 2.70 27.57 -33.38
CA GLU C 222 3.47 26.63 -32.60
C GLU C 222 2.55 25.71 -31.78
N ASP C 223 2.73 24.40 -31.89
CA ASP C 223 1.91 23.45 -31.15
C ASP C 223 2.73 22.71 -30.08
N PHE C 224 2.11 22.48 -28.92
CA PHE C 224 2.76 21.77 -27.81
C PHE C 224 1.76 20.69 -27.40
N TYR C 225 2.22 19.47 -27.18
CA TYR C 225 1.32 18.39 -26.82
C TYR C 225 1.54 17.98 -25.37
N TRP C 226 0.42 17.79 -24.68
CA TRP C 226 0.41 17.51 -23.24
C TRP C 226 -0.47 16.35 -22.79
N SER C 227 -0.06 15.67 -21.74
CA SER C 227 -0.92 14.64 -21.16
C SER C 227 -0.39 14.32 -19.79
N GLY C 228 -1.17 13.58 -19.00
CA GLY C 228 -0.73 13.18 -17.68
C GLY C 228 -0.40 14.30 -16.72
N VAL C 229 -1.22 15.34 -16.72
CA VAL C 229 -1.00 16.47 -15.84
C VAL C 229 -1.83 16.26 -14.58
N TYR C 230 -1.17 16.15 -13.44
CA TYR C 230 -1.89 15.97 -12.18
C TYR C 230 -0.95 16.24 -11.03
N ILE C 231 -1.53 16.42 -9.84
CA ILE C 231 -0.71 16.72 -8.66
C ILE C 231 -1.06 15.72 -7.56
N GLU C 232 -0.05 15.13 -6.95
CA GLU C 232 -0.30 14.14 -5.91
C GLU C 232 0.58 14.41 -4.70
N SER C 233 0.29 13.77 -3.59
CA SER C 233 1.10 13.94 -2.39
C SER C 233 1.36 12.58 -1.77
N GLY C 234 2.17 12.56 -0.72
CA GLY C 234 2.47 11.31 -0.04
C GLY C 234 3.70 10.61 -0.59
N SER C 235 3.51 9.91 -1.70
CA SER C 235 4.59 9.20 -2.36
C SER C 235 4.44 9.41 -3.87
N LEU C 236 5.58 9.43 -4.57
CA LEU C 236 5.55 9.67 -6.01
C LEU C 236 5.19 8.49 -6.91
N THR C 237 4.25 8.71 -7.83
CA THR C 237 3.87 7.69 -8.80
C THR C 237 4.92 7.85 -9.89
N THR C 238 5.75 6.82 -10.11
CA THR C 238 6.81 6.91 -11.11
C THR C 238 6.36 6.40 -12.48
N SER C 239 5.28 5.65 -12.51
CA SER C 239 4.73 5.12 -13.75
C SER C 239 4.11 6.24 -14.60
N VAL C 240 4.37 6.19 -15.90
CA VAL C 240 3.87 7.16 -16.86
C VAL C 240 2.35 7.07 -17.04
N ALA C 241 1.76 5.94 -16.67
CA ALA C 241 0.31 5.76 -16.80
C ALA C 241 -0.44 6.26 -15.57
N GLY C 242 0.31 6.76 -14.58
CA GLY C 242 -0.29 7.29 -13.36
C GLY C 242 -0.70 6.29 -12.30
N GLY D 1 -23.68 -9.83 5.71
CA GLY D 1 -23.07 -11.18 5.37
C GLY D 1 -21.78 -11.02 4.60
N THR D 2 -21.15 -12.14 4.22
CA THR D 2 -19.88 -12.04 3.50
C THR D 2 -19.97 -12.28 1.98
N ILE D 3 -19.22 -11.49 1.24
CA ILE D 3 -19.18 -11.61 -0.20
C ILE D 3 -18.27 -12.79 -0.59
N LEU D 4 -18.81 -13.67 -1.41
CA LEU D 4 -18.05 -14.81 -1.88
C LEU D 4 -17.35 -14.53 -3.21
N TRP D 5 -18.00 -13.71 -4.02
CA TRP D 5 -17.50 -13.38 -5.34
C TRP D 5 -18.05 -12.00 -5.67
N ASP D 6 -17.18 -11.16 -6.21
CA ASP D 6 -17.52 -9.77 -6.50
C ASP D 6 -17.44 -9.49 -7.97
N GLY D 7 -18.59 -9.21 -8.59
CA GLY D 7 -18.62 -8.94 -10.02
C GLY D 7 -19.00 -7.49 -10.30
N ARG D 8 -18.63 -6.60 -9.39
CA ARG D 8 -19.00 -5.20 -9.57
C ARG D 8 -18.03 -4.42 -10.46
N PHE D 9 -17.01 -5.10 -10.96
CA PHE D 9 -15.96 -4.51 -11.83
C PHE D 9 -15.08 -3.49 -11.11
N ASN D 10 -15.07 -3.48 -9.79
CA ASN D 10 -14.25 -2.47 -9.11
C ASN D 10 -12.77 -2.64 -9.33
N ASP D 11 -12.40 -3.83 -9.78
CA ASP D 11 -11.04 -4.20 -10.07
C ASP D 11 -10.66 -3.96 -11.53
N MET D 12 -11.49 -3.17 -12.24
CA MET D 12 -11.28 -2.88 -13.65
C MET D 12 -11.55 -1.43 -14.02
N THR D 13 -10.74 -0.85 -14.89
CA THR D 13 -10.94 0.53 -15.30
C THR D 13 -11.73 0.56 -16.61
N SER D 14 -11.61 -0.50 -17.41
CA SER D 14 -12.34 -0.57 -18.67
C SER D 14 -12.71 -2.02 -18.94
N SER D 15 -13.58 -2.25 -19.91
CA SER D 15 -13.98 -3.61 -20.22
C SER D 15 -12.85 -4.39 -20.90
N ALA D 16 -11.83 -3.67 -21.36
CA ALA D 16 -10.70 -4.34 -22.01
C ALA D 16 -10.08 -5.37 -21.08
N ASP D 17 -10.21 -5.17 -19.77
CA ASP D 17 -9.64 -6.10 -18.82
C ASP D 17 -10.24 -7.50 -18.93
N LEU D 18 -11.40 -7.60 -19.55
CA LEU D 18 -12.06 -8.90 -19.75
C LEU D 18 -11.22 -9.74 -20.69
N ASN D 19 -10.48 -9.08 -21.59
CA ASN D 19 -9.62 -9.74 -22.55
C ASN D 19 -8.42 -10.44 -21.93
N LYS D 20 -8.22 -10.24 -20.64
CA LYS D 20 -7.09 -10.87 -19.95
C LYS D 20 -7.43 -12.31 -19.60
N TRP D 21 -8.72 -12.61 -19.57
CA TRP D 21 -9.15 -13.95 -19.21
C TRP D 21 -9.07 -14.91 -20.39
N SER D 22 -8.66 -16.14 -20.10
CA SER D 22 -8.54 -17.18 -21.11
C SER D 22 -8.77 -18.52 -20.44
N TRP D 23 -9.18 -19.53 -21.21
CA TRP D 23 -9.38 -20.85 -20.65
C TRP D 23 -8.06 -21.37 -20.07
N GLY D 24 -6.95 -20.93 -20.65
CA GLY D 24 -5.65 -21.36 -20.19
C GLY D 24 -5.11 -20.56 -19.01
N ASN D 25 -5.62 -19.35 -18.83
CA ASN D 25 -5.22 -18.46 -17.74
C ASN D 25 -6.49 -17.80 -17.21
N GLN D 26 -7.29 -18.59 -16.49
CA GLN D 26 -8.57 -18.14 -15.96
C GLN D 26 -8.39 -17.15 -14.84
N VAL D 27 -8.03 -15.92 -15.20
CA VAL D 27 -7.79 -14.88 -14.21
C VAL D 27 -8.89 -13.81 -14.17
N GLY D 28 -8.98 -13.11 -13.05
CA GLY D 28 -9.98 -12.07 -12.93
C GLY D 28 -11.30 -12.59 -12.39
N PRO D 29 -12.28 -11.71 -12.24
CA PRO D 29 -13.59 -12.13 -11.72
C PRO D 29 -14.59 -12.67 -12.72
N TYR D 30 -14.34 -12.53 -14.01
CA TYR D 30 -15.29 -13.00 -15.01
C TYR D 30 -14.72 -13.81 -16.18
N GLN D 31 -15.43 -14.86 -16.54
CA GLN D 31 -15.05 -15.63 -17.71
C GLN D 31 -15.73 -14.84 -18.84
N TYR D 32 -15.02 -14.58 -19.93
CA TYR D 32 -15.59 -13.84 -21.03
C TYR D 32 -15.34 -14.60 -22.32
N TYR D 33 -16.34 -15.35 -22.78
CA TYR D 33 -16.19 -16.12 -24.02
C TYR D 33 -17.49 -16.26 -24.77
N ILE D 34 -18.60 -15.99 -24.10
CA ILE D 34 -19.88 -16.09 -24.78
C ILE D 34 -20.18 -14.71 -25.33
N HIS D 35 -19.69 -14.49 -26.54
CA HIS D 35 -19.84 -13.22 -27.23
C HIS D 35 -19.54 -13.39 -28.72
N GLY D 36 -19.98 -12.41 -29.52
CA GLY D 36 -19.76 -12.44 -30.96
C GLY D 36 -18.33 -12.15 -31.37
N SER D 37 -18.10 -12.06 -32.67
CA SER D 37 -16.73 -11.85 -33.20
C SER D 37 -16.12 -10.45 -33.09
N SER D 38 -16.89 -9.46 -32.69
CA SER D 38 -16.37 -8.10 -32.56
C SER D 38 -15.56 -7.87 -31.26
N PRO D 39 -14.80 -6.78 -31.21
CA PRO D 39 -13.99 -6.44 -30.04
C PRO D 39 -14.91 -6.26 -28.83
N VAL D 40 -14.37 -6.42 -27.63
CA VAL D 40 -15.15 -6.31 -26.41
C VAL D 40 -15.94 -5.00 -26.25
N SER D 41 -15.45 -3.92 -26.87
CA SER D 41 -16.13 -2.64 -26.76
C SER D 41 -17.45 -2.56 -27.52
N ALA D 42 -17.73 -3.54 -28.38
CA ALA D 42 -18.98 -3.57 -29.11
C ALA D 42 -20.09 -4.23 -28.25
N TYR D 43 -19.68 -4.93 -27.20
CA TYR D 43 -20.65 -5.64 -26.36
C TYR D 43 -20.70 -5.26 -24.89
N VAL D 44 -19.56 -4.85 -24.35
CA VAL D 44 -19.47 -4.50 -22.94
C VAL D 44 -18.61 -3.24 -22.71
N ASN D 45 -19.20 -2.27 -22.02
CA ASN D 45 -18.54 -1.01 -21.70
C ASN D 45 -18.85 -0.55 -20.28
N LEU D 46 -17.80 -0.14 -19.56
CA LEU D 46 -17.96 0.31 -18.18
C LEU D 46 -18.00 1.82 -18.08
N SER D 47 -18.77 2.31 -17.11
CA SER D 47 -18.91 3.74 -16.87
C SER D 47 -19.73 4.02 -15.62
N PRO D 48 -19.38 5.07 -14.86
CA PRO D 48 -20.12 5.41 -13.65
C PRO D 48 -21.54 5.80 -14.03
N ASP D 49 -21.70 6.21 -15.29
CA ASP D 49 -23.02 6.60 -15.76
C ASP D 49 -23.91 5.39 -16.05
N TYR D 50 -23.33 4.18 -16.06
CA TYR D 50 -24.11 2.98 -16.37
C TYR D 50 -24.56 2.20 -15.15
N LYS D 51 -24.39 2.76 -13.96
CA LYS D 51 -24.75 2.08 -12.71
C LYS D 51 -25.96 2.69 -12.01
N ASN D 52 -26.48 2.00 -11.00
CA ASN D 52 -27.58 2.53 -10.20
C ASN D 52 -26.94 3.66 -9.41
N PRO D 53 -27.42 4.91 -9.57
CA PRO D 53 -26.81 6.01 -8.81
C PRO D 53 -26.73 5.82 -7.30
N ALA D 54 -27.69 5.08 -6.74
CA ALA D 54 -27.74 4.80 -5.32
C ALA D 54 -26.69 3.76 -4.87
N ASP D 55 -26.13 3.01 -5.82
CA ASP D 55 -25.13 2.00 -5.48
C ASP D 55 -23.71 2.57 -5.33
N THR D 56 -23.37 3.05 -4.14
CA THR D 56 -22.04 3.61 -3.95
C THR D 56 -20.96 2.53 -3.85
N GLY D 57 -21.39 1.28 -3.70
CA GLY D 57 -20.46 0.16 -3.65
C GLY D 57 -19.86 -0.22 -5.00
N SER D 58 -20.48 0.24 -6.08
CA SER D 58 -20.01 -0.05 -7.44
C SER D 58 -19.45 1.24 -8.07
N ARG D 59 -18.16 1.24 -8.39
CA ARG D 59 -17.58 2.43 -9.00
C ARG D 59 -18.18 2.68 -10.39
N GLN D 60 -18.28 1.60 -11.19
CA GLN D 60 -18.84 1.71 -12.53
C GLN D 60 -19.91 0.66 -12.82
N GLY D 61 -20.74 0.94 -13.82
CA GLY D 61 -21.76 0.00 -14.22
C GLY D 61 -21.35 -0.50 -15.59
N ALA D 62 -22.03 -1.53 -16.11
CA ALA D 62 -21.67 -2.01 -17.41
C ALA D 62 -22.85 -1.91 -18.35
N LYS D 63 -22.57 -1.49 -19.57
CA LYS D 63 -23.61 -1.43 -20.58
C LYS D 63 -23.34 -2.71 -21.36
N ILE D 64 -24.33 -3.60 -21.41
CA ILE D 64 -24.19 -4.85 -22.15
C ILE D 64 -25.02 -4.69 -23.40
N THR D 65 -24.40 -4.91 -24.54
CA THR D 65 -25.06 -4.72 -25.83
C THR D 65 -25.20 -5.92 -26.72
N LEU D 66 -26.34 -5.96 -27.43
CA LEU D 66 -26.65 -6.98 -28.43
C LEU D 66 -26.75 -6.25 -29.79
N ASP D 67 -25.87 -6.58 -30.74
CA ASP D 67 -25.96 -5.99 -32.07
C ASP D 67 -25.97 -7.09 -33.12
N ASN D 68 -25.84 -6.71 -34.39
CA ASN D 68 -25.87 -7.71 -35.45
C ASN D 68 -24.83 -8.80 -35.34
N THR D 69 -23.73 -8.54 -34.67
CA THR D 69 -22.68 -9.54 -34.55
C THR D 69 -22.70 -10.39 -33.26
N ALA D 70 -23.56 -10.04 -32.31
CA ALA D 70 -23.63 -10.73 -31.03
C ALA D 70 -24.17 -12.16 -31.09
N TYR D 71 -23.45 -13.04 -31.76
CA TYR D 71 -23.84 -14.45 -31.93
C TYR D 71 -22.59 -15.24 -31.63
N TRP D 72 -22.69 -16.18 -30.71
CA TRP D 72 -21.55 -16.97 -30.32
C TRP D 72 -21.44 -18.31 -31.03
N ASN D 73 -20.28 -18.58 -31.62
CA ASN D 73 -20.10 -19.89 -32.24
C ASN D 73 -21.16 -20.26 -33.28
N GLY D 74 -21.71 -19.28 -33.99
CA GLY D 74 -22.72 -19.60 -34.98
C GLY D 74 -24.09 -20.02 -34.45
N GLN D 75 -24.41 -19.63 -33.22
CA GLN D 75 -25.72 -19.97 -32.68
C GLN D 75 -26.76 -19.01 -33.26
N ASN D 76 -28.04 -19.32 -33.05
CA ASN D 76 -29.10 -18.48 -33.58
C ASN D 76 -29.72 -17.52 -32.55
N MET D 77 -29.21 -17.57 -31.31
CA MET D 77 -29.67 -16.68 -30.24
C MET D 77 -28.60 -15.61 -30.07
N ARG D 78 -29.02 -14.37 -29.84
CA ARG D 78 -28.02 -13.31 -29.64
C ARG D 78 -27.57 -13.42 -28.20
N ARG D 79 -26.27 -13.25 -27.96
CA ARG D 79 -25.75 -13.36 -26.59
C ARG D 79 -24.53 -12.51 -26.25
N THR D 80 -24.54 -11.95 -25.04
CA THR D 80 -23.40 -11.21 -24.50
C THR D 80 -23.55 -11.60 -23.04
N GLU D 81 -22.71 -12.53 -22.60
CA GLU D 81 -22.79 -13.04 -21.25
C GLU D 81 -21.44 -13.13 -20.56
N LEU D 82 -21.45 -12.92 -19.25
CA LEU D 82 -20.24 -12.99 -18.43
C LEU D 82 -20.58 -14.04 -17.39
N ILE D 83 -19.58 -14.82 -16.99
CA ILE D 83 -19.80 -15.88 -16.01
C ILE D 83 -18.78 -15.68 -14.90
N PRO D 84 -19.19 -15.87 -13.64
CA PRO D 84 -18.24 -15.70 -12.55
C PRO D 84 -17.05 -16.63 -12.69
N GLN D 85 -15.86 -16.07 -12.46
CA GLN D 85 -14.62 -16.86 -12.44
C GLN D 85 -14.30 -16.90 -10.94
N THR D 86 -14.46 -18.05 -10.31
CA THR D 86 -14.24 -18.10 -8.88
C THR D 86 -13.92 -19.50 -8.36
N THR D 87 -13.32 -19.57 -7.17
CA THR D 87 -13.06 -20.86 -6.54
C THR D 87 -13.97 -20.96 -5.30
N ALA D 88 -14.74 -19.91 -5.03
CA ALA D 88 -15.66 -19.92 -3.88
C ALA D 88 -16.84 -20.87 -4.19
N ALA D 89 -17.46 -21.39 -3.15
CA ALA D 89 -18.58 -22.35 -3.22
C ALA D 89 -19.89 -21.61 -3.43
N ILE D 90 -20.00 -20.90 -4.54
CA ILE D 90 -21.19 -20.13 -4.81
C ILE D 90 -22.37 -21.00 -5.25
N ASN D 91 -22.14 -22.31 -5.36
CA ASN D 91 -23.16 -23.27 -5.75
C ASN D 91 -23.50 -24.27 -4.64
N GLN D 92 -23.20 -23.88 -3.41
CA GLN D 92 -23.44 -24.75 -2.26
C GLN D 92 -24.05 -24.00 -1.09
N GLY D 93 -24.93 -24.64 -0.35
CA GLY D 93 -25.53 -24.03 0.82
C GLY D 93 -26.46 -22.90 0.49
N LYS D 94 -26.58 -21.94 1.41
CA LYS D 94 -27.45 -20.76 1.26
C LYS D 94 -26.65 -19.60 0.71
N VAL D 95 -27.03 -19.11 -0.47
CA VAL D 95 -26.29 -17.99 -1.06
C VAL D 95 -27.24 -16.96 -1.68
N TYR D 96 -26.78 -15.70 -1.78
CA TYR D 96 -27.61 -14.66 -2.35
C TYR D 96 -26.92 -14.13 -3.62
N TYR D 97 -27.63 -14.20 -4.75
CA TYR D 97 -27.10 -13.71 -6.03
C TYR D 97 -27.66 -12.33 -6.30
N HIS D 98 -26.81 -11.31 -6.27
CA HIS D 98 -27.26 -9.93 -6.49
C HIS D 98 -26.99 -9.38 -7.87
N PHE D 99 -27.84 -8.45 -8.27
CA PHE D 99 -27.62 -7.70 -9.52
C PHE D 99 -28.66 -6.60 -9.68
N SER D 100 -28.29 -5.53 -10.40
CA SER D 100 -29.22 -4.43 -10.64
C SER D 100 -29.25 -4.30 -12.15
N LEU D 101 -30.44 -4.04 -12.68
CA LEU D 101 -30.62 -3.98 -14.13
C LEU D 101 -31.47 -2.79 -14.52
N MET D 102 -31.19 -2.22 -15.68
CA MET D 102 -32.01 -1.09 -16.12
C MET D 102 -31.96 -1.05 -17.63
N ARG D 103 -33.03 -0.54 -18.23
CA ARG D 103 -33.09 -0.38 -19.68
C ARG D 103 -33.44 1.08 -19.98
N LYS D 104 -33.12 1.53 -21.19
CA LYS D 104 -33.44 2.91 -21.56
C LYS D 104 -34.36 2.82 -22.75
N ASP D 105 -34.77 3.95 -23.29
CA ASP D 105 -35.62 3.93 -24.47
C ASP D 105 -34.72 3.93 -25.71
N ILE D 106 -33.46 4.31 -25.53
CA ILE D 106 -32.51 4.29 -26.63
C ILE D 106 -31.97 2.86 -26.65
N ASN D 107 -32.04 2.22 -27.82
CA ASN D 107 -31.60 0.84 -27.98
C ASN D 107 -32.28 -0.02 -26.94
N ALA D 108 -33.59 0.17 -26.85
CA ALA D 108 -34.43 -0.53 -25.92
C ALA D 108 -34.54 -1.99 -26.29
N PRO D 109 -34.51 -2.87 -25.27
CA PRO D 109 -34.61 -4.32 -25.40
C PRO D 109 -35.89 -4.60 -26.20
N ALA D 110 -35.80 -5.46 -27.20
CA ALA D 110 -36.96 -5.77 -28.03
C ALA D 110 -38.09 -6.38 -27.25
N THR D 111 -39.27 -5.76 -27.34
CA THR D 111 -40.44 -6.26 -26.65
C THR D 111 -41.05 -7.42 -27.42
N THR D 112 -40.51 -7.67 -28.62
CA THR D 112 -41.02 -8.73 -29.49
C THR D 112 -40.32 -10.10 -29.42
N ARG D 113 -39.27 -10.20 -28.60
CA ARG D 113 -38.59 -11.48 -28.50
C ARG D 113 -38.28 -11.84 -27.04
N GLU D 114 -38.13 -13.13 -26.76
CA GLU D 114 -37.86 -13.55 -25.40
C GLU D 114 -36.42 -13.36 -25.06
N HIS D 115 -36.20 -12.75 -23.91
CA HIS D 115 -34.88 -12.54 -23.40
C HIS D 115 -34.76 -13.34 -22.12
N GLN D 116 -33.61 -13.97 -21.91
CA GLN D 116 -33.35 -14.72 -20.67
C GLN D 116 -32.18 -13.94 -20.06
N ILE D 117 -32.37 -13.51 -18.81
CA ILE D 117 -31.44 -12.61 -18.15
C ILE D 117 -30.92 -13.08 -16.78
N ALA D 118 -29.61 -13.01 -16.52
CA ALA D 118 -29.07 -13.45 -15.23
C ALA D 118 -29.60 -14.86 -14.95
N PHE D 119 -29.39 -15.75 -15.90
CA PHE D 119 -29.91 -17.10 -15.79
C PHE D 119 -28.85 -18.14 -15.57
N PHE D 120 -29.23 -19.21 -14.88
CA PHE D 120 -28.32 -20.32 -14.69
C PHE D 120 -28.53 -21.22 -15.90
N GLU D 121 -27.47 -21.94 -16.27
CA GLU D 121 -27.47 -22.86 -17.40
C GLU D 121 -28.65 -23.85 -17.37
N SER D 122 -29.06 -24.32 -16.20
CA SER D 122 -30.21 -25.24 -16.12
C SER D 122 -31.55 -24.46 -16.13
N HIS D 123 -31.45 -23.15 -16.01
CA HIS D 123 -32.63 -22.30 -15.98
C HIS D 123 -33.53 -22.55 -14.78
N PHE D 124 -32.95 -23.00 -13.66
CA PHE D 124 -33.80 -23.23 -12.49
C PHE D 124 -34.36 -21.87 -12.03
N THR D 125 -33.63 -20.78 -12.30
CA THR D 125 -34.14 -19.45 -12.03
C THR D 125 -33.46 -18.46 -13.00
N GLU D 126 -34.14 -17.36 -13.26
CA GLU D 126 -33.64 -16.38 -14.21
C GLU D 126 -34.72 -15.32 -14.26
N LEU D 127 -34.44 -14.24 -14.99
CA LEU D 127 -35.45 -13.22 -15.23
C LEU D 127 -35.69 -13.39 -16.72
N LYS D 128 -36.87 -13.01 -17.17
CA LYS D 128 -37.18 -13.02 -18.59
C LYS D 128 -37.83 -11.68 -18.93
N SER D 129 -37.73 -11.27 -20.18
CA SER D 129 -38.38 -10.05 -20.62
C SER D 129 -38.79 -10.28 -22.07
N GLY D 130 -39.67 -9.43 -22.57
CA GLY D 130 -40.10 -9.56 -23.94
C GLY D 130 -41.18 -10.60 -24.11
N TRP D 131 -41.66 -10.68 -25.34
CA TRP D 131 -42.68 -11.64 -25.73
C TRP D 131 -42.09 -13.01 -25.41
N LEU D 132 -42.85 -13.89 -24.79
CA LEU D 132 -42.34 -15.22 -24.49
C LEU D 132 -42.64 -16.12 -25.70
N SER D 133 -41.65 -16.88 -26.13
CA SER D 133 -41.82 -17.72 -27.31
C SER D 133 -43.11 -18.54 -27.37
N GLY D 134 -43.90 -18.31 -28.43
CA GLY D 134 -45.14 -19.04 -28.60
C GLY D 134 -46.38 -18.32 -28.09
N ALA D 135 -46.17 -17.38 -27.17
CA ALA D 135 -47.27 -16.63 -26.59
C ALA D 135 -48.02 -15.83 -27.64
N PRO D 136 -49.35 -15.77 -27.54
CA PRO D 136 -50.08 -15.00 -28.55
C PRO D 136 -49.70 -13.52 -28.37
N GLY D 137 -49.85 -12.74 -29.43
CA GLY D 137 -49.50 -11.33 -29.31
C GLY D 137 -48.16 -11.06 -29.94
N ILE D 138 -47.82 -9.79 -30.04
CA ILE D 138 -46.57 -9.41 -30.67
C ILE D 138 -45.55 -8.84 -29.68
N SER D 139 -46.03 -8.07 -28.71
CA SER D 139 -45.16 -7.46 -27.72
C SER D 139 -45.53 -7.80 -26.28
N ASP D 140 -44.53 -7.74 -25.41
CA ASP D 140 -44.73 -7.99 -23.98
C ASP D 140 -43.77 -7.05 -23.24
N THR D 141 -44.33 -6.16 -22.43
CA THR D 141 -43.57 -5.14 -21.73
C THR D 141 -43.18 -5.44 -20.27
N LEU D 142 -43.39 -6.67 -19.83
CA LEU D 142 -43.07 -7.09 -18.46
C LEU D 142 -41.68 -7.68 -18.30
N LEU D 143 -41.16 -7.54 -17.08
CA LEU D 143 -39.89 -8.13 -16.66
C LEU D 143 -40.42 -9.20 -15.69
N ARG D 144 -40.01 -10.45 -15.89
CA ARG D 144 -40.52 -11.56 -15.05
C ARG D 144 -39.46 -12.31 -14.28
N TRP D 145 -39.80 -12.79 -13.08
CA TRP D 145 -38.85 -13.63 -12.36
C TRP D 145 -39.41 -15.03 -12.54
N CYS D 146 -38.59 -15.93 -13.06
CA CYS D 146 -39.04 -17.30 -13.30
C CYS D 146 -38.30 -18.34 -12.48
N VAL D 147 -39.01 -19.41 -12.14
CA VAL D 147 -38.44 -20.54 -11.43
C VAL D 147 -38.84 -21.75 -12.26
N GLY D 148 -37.82 -22.53 -12.65
CA GLY D 148 -38.09 -23.69 -13.48
C GLY D 148 -38.89 -23.33 -14.73
N GLY D 149 -38.62 -22.15 -15.29
CA GLY D 149 -39.29 -21.71 -16.50
C GLY D 149 -40.66 -21.04 -16.37
N GLN D 150 -41.24 -21.07 -15.16
CA GLN D 150 -42.55 -20.49 -14.90
C GLN D 150 -42.45 -19.13 -14.21
N THR D 151 -43.16 -18.13 -14.73
CA THR D 151 -43.16 -16.80 -14.11
C THR D 151 -43.76 -16.91 -12.70
N GLN D 152 -43.10 -16.34 -11.70
CA GLN D 152 -43.61 -16.37 -10.33
C GLN D 152 -43.91 -14.95 -9.87
N TRP D 153 -43.40 -13.98 -10.63
CA TRP D 153 -43.56 -12.58 -10.31
C TRP D 153 -43.24 -11.77 -11.56
N SER D 154 -43.86 -10.61 -11.70
CA SER D 154 -43.57 -9.78 -12.85
C SER D 154 -43.95 -8.33 -12.57
N VAL D 155 -43.47 -7.41 -13.39
CA VAL D 155 -43.78 -6.01 -13.22
C VAL D 155 -43.55 -5.32 -14.56
N GLU D 156 -44.19 -4.18 -14.78
CA GLU D 156 -43.98 -3.44 -16.01
C GLU D 156 -42.56 -2.92 -16.04
N TRP D 157 -41.84 -3.17 -17.15
CA TRP D 157 -40.46 -2.72 -17.25
C TRP D 157 -40.37 -1.34 -17.90
N ALA D 158 -40.36 -0.33 -17.04
CA ALA D 158 -40.27 1.07 -17.46
C ALA D 158 -38.84 1.50 -17.74
N ALA D 159 -38.68 2.42 -18.67
CA ALA D 159 -37.37 2.93 -19.02
C ALA D 159 -36.78 3.71 -17.85
N ASP D 160 -35.46 3.68 -17.77
CA ASP D 160 -34.66 4.37 -16.77
C ASP D 160 -34.82 3.98 -15.28
N VAL D 161 -35.61 2.95 -14.99
CA VAL D 161 -35.80 2.52 -13.60
C VAL D 161 -34.85 1.39 -13.26
N TRP D 162 -34.13 1.54 -12.16
CA TRP D 162 -33.22 0.48 -11.77
C TRP D 162 -33.93 -0.61 -10.98
N HIS D 163 -33.78 -1.86 -11.41
CA HIS D 163 -34.40 -2.99 -10.72
C HIS D 163 -33.27 -3.71 -9.99
N ASN D 164 -33.37 -3.77 -8.68
CA ASN D 164 -32.37 -4.42 -7.87
C ASN D 164 -32.94 -5.79 -7.50
N VAL D 165 -32.14 -6.84 -7.67
CA VAL D 165 -32.62 -8.17 -7.38
C VAL D 165 -31.59 -8.99 -6.62
N ALA D 166 -32.08 -9.94 -5.83
CA ALA D 166 -31.22 -10.90 -5.19
C ALA D 166 -31.99 -12.22 -5.23
N TYR D 167 -31.38 -13.27 -5.75
CA TYR D 167 -32.02 -14.58 -5.72
C TYR D 167 -31.52 -15.16 -4.39
N GLU D 168 -32.43 -15.69 -3.58
CA GLU D 168 -32.05 -16.30 -2.31
C GLU D 168 -32.09 -17.77 -2.64
N ILE D 169 -30.92 -18.38 -2.83
CA ILE D 169 -30.85 -19.78 -3.22
C ILE D 169 -30.31 -20.71 -2.15
N ASP D 170 -31.07 -21.77 -1.87
CA ASP D 170 -30.61 -22.74 -0.90
C ASP D 170 -30.37 -24.01 -1.72
N PHE D 171 -29.10 -24.26 -2.03
CA PHE D 171 -28.76 -25.42 -2.82
C PHE D 171 -28.95 -26.72 -2.04
N ALA D 172 -28.94 -26.65 -0.72
CA ALA D 172 -29.16 -27.79 0.14
C ALA D 172 -30.65 -28.19 0.17
N ALA D 173 -31.54 -27.21 0.12
CA ALA D 173 -32.97 -27.49 0.15
C ALA D 173 -33.70 -27.45 -1.18
N GLY D 174 -33.04 -27.02 -2.25
CA GLY D 174 -33.71 -26.95 -3.54
C GLY D 174 -34.79 -25.87 -3.55
N THR D 175 -34.44 -24.68 -3.10
CA THR D 175 -35.43 -23.60 -3.10
C THR D 175 -34.82 -22.29 -3.53
N VAL D 176 -35.67 -21.43 -4.10
CA VAL D 176 -35.21 -20.13 -4.51
C VAL D 176 -36.26 -19.08 -4.18
N GLY D 177 -35.84 -18.05 -3.44
CA GLY D 177 -36.72 -16.95 -3.08
C GLY D 177 -36.29 -15.73 -3.89
N PHE D 178 -37.13 -14.71 -3.93
CA PHE D 178 -36.85 -13.53 -4.75
C PHE D 178 -36.97 -12.22 -3.98
N TRP D 179 -35.86 -11.49 -3.93
CA TRP D 179 -35.80 -10.18 -3.27
C TRP D 179 -35.69 -9.14 -4.38
N HIS D 180 -36.40 -8.03 -4.21
CA HIS D 180 -36.40 -6.98 -5.24
C HIS D 180 -36.74 -5.59 -4.72
N SER D 181 -36.39 -4.58 -5.52
CA SER D 181 -36.78 -3.20 -5.23
C SER D 181 -36.47 -2.46 -6.50
N THR D 182 -37.04 -1.26 -6.62
CA THR D 182 -36.70 -0.40 -7.73
C THR D 182 -36.02 0.84 -7.14
N GLY D 183 -35.12 1.42 -7.90
CA GLY D 183 -34.43 2.63 -7.46
C GLY D 183 -33.46 2.47 -6.30
N SER D 184 -33.57 3.36 -5.31
CA SER D 184 -32.65 3.32 -4.18
C SER D 184 -33.22 2.59 -2.96
N ASP D 185 -34.43 2.05 -3.06
CA ASP D 185 -35.05 1.36 -1.93
C ASP D 185 -34.38 0.01 -1.63
N PRO D 186 -34.29 -0.36 -0.33
CA PRO D 186 -33.68 -1.65 0.00
C PRO D 186 -34.56 -2.82 -0.47
N LEU D 187 -33.93 -3.94 -0.71
CA LEU D 187 -34.63 -5.14 -1.18
C LEU D 187 -35.62 -5.68 -0.15
N THR D 188 -36.76 -6.17 -0.64
CA THR D 188 -37.77 -6.81 0.21
C THR D 188 -38.05 -8.16 -0.48
N ARG D 189 -38.32 -9.20 0.30
CA ARG D 189 -38.58 -10.50 -0.30
C ARG D 189 -39.98 -10.56 -0.84
N LYS D 190 -40.10 -10.48 -2.15
CA LYS D 190 -41.39 -10.47 -2.76
C LYS D 190 -41.98 -11.82 -3.08
N VAL D 191 -41.16 -12.87 -3.07
CA VAL D 191 -41.69 -14.22 -3.27
C VAL D 191 -40.91 -15.13 -2.33
N ALA D 192 -41.61 -15.84 -1.44
CA ALA D 192 -40.94 -16.73 -0.50
C ALA D 192 -40.31 -17.88 -1.28
N PRO D 193 -39.26 -18.52 -0.73
CA PRO D 193 -38.57 -19.63 -1.42
C PRO D 193 -39.49 -20.67 -2.05
N VAL D 194 -39.31 -20.87 -3.36
CA VAL D 194 -40.09 -21.81 -4.18
C VAL D 194 -39.24 -23.07 -4.40
N LYS D 195 -39.85 -24.24 -4.24
CA LYS D 195 -39.12 -25.50 -4.44
C LYS D 195 -38.79 -25.73 -5.91
N THR D 196 -37.56 -26.16 -6.18
CA THR D 196 -37.15 -26.43 -7.56
C THR D 196 -35.80 -27.15 -7.52
N SER D 197 -35.42 -27.78 -8.62
CA SER D 197 -34.12 -28.46 -8.69
C SER D 197 -33.09 -27.37 -8.83
N THR D 198 -32.32 -27.12 -7.78
CA THR D 198 -31.29 -26.09 -7.83
C THR D 198 -29.94 -26.74 -8.07
N SER D 199 -29.46 -26.70 -9.30
CA SER D 199 -28.18 -27.30 -9.57
C SER D 199 -27.30 -26.34 -10.35
N SER D 200 -26.08 -26.16 -9.89
CA SER D 200 -25.14 -25.28 -10.55
C SER D 200 -23.77 -25.84 -10.30
N ASN D 201 -22.89 -25.74 -11.28
CA ASN D 201 -21.53 -26.23 -11.10
C ASN D 201 -20.57 -25.09 -10.70
N GLY D 202 -21.12 -23.90 -10.45
CA GLY D 202 -20.28 -22.77 -10.08
C GLY D 202 -19.68 -21.96 -11.24
N ALA D 203 -19.89 -22.41 -12.47
CA ALA D 203 -19.36 -21.67 -13.64
C ALA D 203 -20.45 -21.69 -14.72
N ASP D 204 -21.68 -21.42 -14.28
CA ASP D 204 -22.81 -21.48 -15.19
C ASP D 204 -23.95 -20.48 -14.91
N TRP D 205 -23.61 -19.39 -14.20
CA TRP D 205 -24.60 -18.33 -13.95
C TRP D 205 -24.21 -17.29 -14.99
N HIS D 206 -25.15 -16.97 -15.87
CA HIS D 206 -24.90 -16.05 -16.94
C HIS D 206 -25.31 -14.64 -16.68
N VAL D 207 -24.33 -13.81 -16.36
CA VAL D 207 -24.55 -12.40 -16.12
C VAL D 207 -24.57 -11.72 -17.49
N GLY D 208 -25.78 -11.46 -17.95
CA GLY D 208 -25.95 -10.86 -19.25
C GLY D 208 -27.28 -11.25 -19.84
N VAL D 209 -27.36 -11.26 -21.17
CA VAL D 209 -28.61 -11.53 -21.82
C VAL D 209 -28.52 -12.48 -23.02
N LEU D 210 -29.53 -13.33 -23.16
CA LEU D 210 -29.65 -14.26 -24.29
C LEU D 210 -31.01 -13.89 -24.89
N GLU D 211 -31.04 -13.62 -26.20
CA GLU D 211 -32.27 -13.25 -26.90
C GLU D 211 -32.59 -14.32 -27.95
N LEU D 212 -33.76 -14.93 -27.85
CA LEU D 212 -34.14 -15.98 -28.77
C LEU D 212 -34.59 -15.40 -30.08
N PRO D 213 -34.32 -16.12 -31.18
CA PRO D 213 -34.75 -15.60 -32.49
C PRO D 213 -36.27 -15.75 -32.65
N ARG D 214 -36.88 -14.93 -33.50
CA ARG D 214 -38.31 -15.04 -33.79
C ARG D 214 -38.47 -14.74 -35.28
N SER D 215 -38.95 -15.74 -36.02
CA SER D 215 -39.12 -15.62 -37.48
C SER D 215 -39.83 -14.37 -37.92
N GLY D 216 -39.12 -13.56 -38.71
CA GLY D 216 -39.66 -12.31 -39.23
C GLY D 216 -39.27 -11.07 -38.44
N TYR D 217 -38.51 -11.26 -37.36
CA TYR D 217 -38.12 -10.12 -36.52
C TYR D 217 -36.64 -9.86 -36.54
N PRO D 218 -36.18 -9.01 -37.46
CA PRO D 218 -34.79 -8.61 -37.64
C PRO D 218 -34.18 -7.99 -36.39
N ASP D 219 -32.87 -8.06 -36.28
CA ASP D 219 -32.16 -7.50 -35.15
C ASP D 219 -32.05 -5.99 -35.19
N SER D 220 -32.05 -5.41 -33.99
CA SER D 220 -31.88 -3.99 -33.78
C SER D 220 -31.00 -3.94 -32.51
N ASN D 221 -30.13 -2.94 -32.43
CA ASN D 221 -29.24 -2.81 -31.29
C ASN D 221 -30.02 -2.70 -29.97
N GLU D 222 -29.59 -3.48 -28.98
CA GLU D 222 -30.27 -3.49 -27.68
C GLU D 222 -29.24 -3.33 -26.57
N ASP D 223 -29.49 -2.40 -25.66
CA ASP D 223 -28.56 -2.16 -24.56
C ASP D 223 -29.18 -2.49 -23.20
N PHE D 224 -28.38 -3.04 -22.31
CA PHE D 224 -28.85 -3.40 -20.97
C PHE D 224 -27.84 -2.85 -19.99
N TYR D 225 -28.31 -2.24 -18.91
CA TYR D 225 -27.40 -1.64 -17.95
C TYR D 225 -27.37 -2.45 -16.66
N TRP D 226 -26.16 -2.69 -16.18
CA TRP D 226 -25.92 -3.50 -15.00
C TRP D 226 -24.97 -2.92 -13.97
N SER D 227 -25.26 -3.17 -12.71
CA SER D 227 -24.38 -2.78 -11.62
C SER D 227 -24.70 -3.65 -10.41
N GLY D 228 -23.85 -3.55 -9.39
CA GLY D 228 -24.06 -4.31 -8.17
C GLY D 228 -24.18 -5.82 -8.32
N VAL D 229 -23.39 -6.43 -9.20
CA VAL D 229 -23.44 -7.90 -9.35
C VAL D 229 -22.44 -8.55 -8.40
N TYR D 230 -22.93 -9.37 -7.46
CA TYR D 230 -22.03 -10.07 -6.55
C TYR D 230 -22.79 -11.18 -5.84
N ILE D 231 -22.05 -12.13 -5.24
CA ILE D 231 -22.69 -13.23 -4.55
C ILE D 231 -22.26 -13.21 -3.09
N GLU D 232 -23.25 -13.38 -2.22
CA GLU D 232 -23.08 -13.27 -0.77
C GLU D 232 -23.53 -14.55 -0.04
N SER D 233 -22.94 -14.82 1.13
CA SER D 233 -23.38 -16.00 1.90
C SER D 233 -23.68 -15.57 3.33
N GLY D 234 -24.42 -16.40 4.06
CA GLY D 234 -24.71 -16.06 5.45
C GLY D 234 -25.89 -15.14 5.69
N SER D 235 -25.73 -13.86 5.31
CA SER D 235 -26.76 -12.85 5.47
C SER D 235 -26.86 -12.06 4.16
N LEU D 236 -28.00 -11.40 3.98
CA LEU D 236 -28.27 -10.61 2.80
C LEU D 236 -28.15 -9.12 3.06
N THR D 237 -27.39 -8.42 2.23
CA THR D 237 -27.28 -6.98 2.36
C THR D 237 -28.47 -6.48 1.56
N THR D 238 -29.44 -5.84 2.22
CA THR D 238 -30.63 -5.35 1.51
C THR D 238 -30.41 -3.97 0.89
N SER D 239 -29.42 -3.24 1.39
CA SER D 239 -29.07 -1.92 0.84
C SER D 239 -28.50 -2.08 -0.58
N VAL D 240 -28.94 -1.25 -1.51
CA VAL D 240 -28.45 -1.36 -2.88
C VAL D 240 -26.99 -0.89 -3.00
N ALA D 241 -26.46 -0.26 -1.94
CA ALA D 241 -25.09 0.25 -1.92
C ALA D 241 -24.07 -0.85 -1.66
N GLY D 242 -24.56 -2.01 -1.23
CA GLY D 242 -23.68 -3.12 -0.97
C GLY D 242 -23.09 -3.08 0.42
N PRO D 243 -22.43 -4.17 0.85
CA PRO D 243 -21.83 -4.23 2.19
C PRO D 243 -20.75 -3.18 2.43
N GLY D 244 -20.67 -2.72 3.67
CA GLY D 244 -19.65 -1.73 4.03
C GLY D 244 -19.94 -0.31 3.64
N GLN D 245 -20.97 -0.11 2.83
CA GLN D 245 -21.30 1.24 2.40
C GLN D 245 -22.37 1.83 3.30
N PRO D 246 -22.38 3.17 3.44
CA PRO D 246 -23.38 3.84 4.27
C PRO D 246 -24.74 3.53 3.67
N ILE D 247 -25.76 3.34 4.52
CA ILE D 247 -27.10 3.03 4.03
C ILE D 247 -27.89 4.24 3.53
C2 BGC E . -13.13 -26.25 -18.88
C3 BGC E . -14.20 -26.48 -19.96
C4 BGC E . -13.88 -25.60 -21.18
C5 BGC E . -12.46 -25.96 -21.69
C6 BGC E . -12.05 -25.10 -22.89
C1 BGC E . -11.74 -26.58 -19.46
O1 BGC E . -10.73 -26.34 -18.45
O2 BGC E . -13.38 -27.06 -17.72
O3 BGC E . -15.50 -26.19 -19.45
O4 BGC E . -14.85 -25.77 -22.23
O5 BGC E . -11.46 -25.77 -20.65
O6 BGC E . -11.54 -25.12 -24.22
C2 BGC E . -16.92 -25.33 -23.95
C3 BGC E . -18.10 -24.34 -24.04
C4 BGC E . -18.96 -24.49 -22.75
C5 BGC E . -18.04 -24.30 -21.51
C6 BGC E . -18.91 -24.49 -20.25
C1 BGC E . -16.09 -25.03 -22.69
O2 BGC E . -16.11 -25.17 -25.13
O3 BGC E . -18.89 -24.63 -25.20
O4 BGC E . -19.98 -23.48 -22.65
O5 BGC E . -16.93 -25.21 -21.51
O6 BGC E . -18.13 -24.32 -19.06
C2 BGC E . -22.25 -22.48 -22.38
C3 BGC E . -23.73 -22.86 -22.32
C4 BGC E . -24.10 -23.58 -23.61
C5 BGC E . -23.19 -24.84 -23.77
C6 BGC E . -23.53 -25.55 -25.07
C1 BGC E . -21.39 -23.74 -22.55
O2 BGC E . -21.85 -21.80 -21.17
O3 BGC E . -24.52 -21.68 -22.16
O4 BGC E . -25.49 -23.96 -23.57
O5 BGC E . -21.79 -24.41 -23.80
O6 BGC E . -22.70 -26.71 -25.17
#